data_8Y2I
#
_entry.id   8Y2I
#
_cell.length_a   1.00
_cell.length_b   1.00
_cell.length_c   1.00
_cell.angle_alpha   90.00
_cell.angle_beta   90.00
_cell.angle_gamma   90.00
#
_symmetry.space_group_name_H-M   'P 1'
#
loop_
_entity.id
_entity.type
_entity.pdbx_description
1 polymer 'DNA (35-MER)'
2 polymer 'DNA (35-MER)'
3 polymer dLesCas12e
4 polymer sgRNA
#
loop_
_entity_poly.entity_id
_entity_poly.type
_entity_poly.pdbx_seq_one_letter_code
_entity_poly.pdbx_strand_id
1 'polydeoxyribonucleotide'
;(DG)(DG)(DA)(DT)(DC)(DG)(DT)(DT)(DC)(DA)(DC)(DC)(DA)(DG)(DG)(DG)(DT)(DG)(DT)(DC)
(DG)(DC)(DC)(DC)(DT)(DC)(DA)(DA)(DA)(DA)(DT)(DC)(DC)(DC)(DG)
;
B
2 'polydeoxyribonucleotide'
;(DC)(DG)(DG)(DG)(DA)(DT)(DT)(DT)(DT)(DG)(DA)(DG)(DG)(DG)(DC)(DG)(DA)(DC)(DA)(DC)
(DA)(DA)(DG)(DT)(DT)(DG)(DT)(DC)(DC)(DA)(DG)(DA)(DT)(DC)(DC)
;
D
3 'polypeptide(L)'
;MPTKNRKTDSTSIHASLRHLLQLGLKRSEAAIPQTITRTAKFKINTAIKPGLIPLLNAQFDAVEGFRRKVLGELEAWWNE
DPEAFQKMVKCSMKMKFQGKSSCYAWLYTHFLKGATLAQGLSRDAANSLLDNMGGGLKSFLTRRAHVAEEIRKRYDQNLG
DWDDGLKDLAAEHGLELPPPPPRVNFEKLTAQEIEKYNDWVGRTRAWGNLLLIQKKKVERRDACLPRYLKGYPGFPGSQR
YATASAMAAALAELEQAAREQYGKARARFAKVSAESWAQTVERFAPAPVRAEHGRPEPRTAHQTVSARLAALIAAQPGWQ
PAQLAEEILAGVLRGAEKLKTHLSKCGSHDRQAVIKLANLYNVAVAFALEPVRVAGDYLSFYAEETPKRKAFGNVRGALH
QPSDDTAAIQITGFSINDEGSPNYNGLLVCKQSGDRLHDEWAFLFCHQPGQVFQLAAEDAKLRGKILTEWLGFGSQGGSR
KKAEASAKKMIRRPVWMNEKTPPTILPLAFGVRQGREYLWHFDRNLRTKEGWVLGNGRLLRVMPPGRPHAADFYLTLTLE
REAPPLAEVAAEKYIGIARGEAVPAAYAIIDREGRLLAGGKIAEAFRDQQRKTNDEKRELQRTAGGYTKAFRSKERNRAR
ALGGEVTRAIFALSAAHRAPVILANLNSSLATRGGKGTMMSQMQYERMLVALEQKFAEAGLYALPSAPKYRKGDNGFIKL
VGPAYTSATCSACGHVHSSDFYEKLADTLEGKCGSSWCVTLPNGEQQQLPDAYTFWLKGKGEQTKSTHERLEELLKGKSV
AKLAKTNRRKLVGLLKSRWLPYRATQADFSCVLCGHTMNAAEQGALNIARKFLFRTERGKQAGELTEAERRKMRADWQNW
YKEKLRTVWRAPERGDGNG
;
A
4 'polyribonucleotide'
;GCCCGUUAGUAUUUUCUUUGAUUCUGUACGCCUGCCGGCCCCACCGGAUGUGACGUACUUCGCGAACAUCAACGGUUCUU
CGGAACCGCUGACGCUCGCGAAGAUGGAUUCAAAGAGGGCGACACCCUGGUGAAC
;
C
#
loop_
_chem_comp.id
_chem_comp.type
_chem_comp.name
_chem_comp.formula
A RNA linking ADENOSINE-5'-MONOPHOSPHATE 'C10 H14 N5 O7 P'
C RNA linking CYTIDINE-5'-MONOPHOSPHATE 'C9 H14 N3 O8 P'
DA DNA linking 2'-DEOXYADENOSINE-5'-MONOPHOSPHATE 'C10 H14 N5 O6 P'
DC DNA linking 2'-DEOXYCYTIDINE-5'-MONOPHOSPHATE 'C9 H14 N3 O7 P'
DG DNA linking 2'-DEOXYGUANOSINE-5'-MONOPHOSPHATE 'C10 H14 N5 O7 P'
DT DNA linking THYMIDINE-5'-MONOPHOSPHATE 'C10 H15 N2 O8 P'
G RNA linking GUANOSINE-5'-MONOPHOSPHATE 'C10 H14 N5 O8 P'
U RNA linking URIDINE-5'-MONOPHOSPHATE 'C9 H13 N2 O9 P'
#
# COMPACT_ATOMS: atom_id res chain seq x y z
N SER C 10 21.07 29.54 -0.97
CA SER C 10 20.45 28.39 -1.69
C SER C 10 20.41 27.15 -0.79
N THR C 11 21.36 26.23 -0.99
CA THR C 11 21.49 25.04 -0.16
C THR C 11 20.21 24.21 -0.12
N SER C 12 19.27 24.49 -1.02
CA SER C 12 17.97 23.85 -1.03
C SER C 12 17.87 22.92 -2.22
N ILE C 13 16.96 21.95 -2.10
CA ILE C 13 16.88 20.88 -3.10
C ILE C 13 16.61 21.46 -4.48
N HIS C 14 15.73 22.45 -4.57
CA HIS C 14 15.53 23.16 -5.82
C HIS C 14 16.80 23.89 -6.24
N ALA C 15 17.39 24.64 -5.32
CA ALA C 15 18.54 25.49 -5.63
C ALA C 15 19.83 24.70 -5.76
N SER C 16 19.85 23.43 -5.35
CA SER C 16 20.99 22.55 -5.57
C SER C 16 20.85 21.75 -6.84
N LEU C 17 19.65 21.24 -7.13
CA LEU C 17 19.40 20.71 -8.45
C LEU C 17 19.66 21.77 -9.51
N ARG C 18 19.44 23.03 -9.16
CA ARG C 18 19.73 24.12 -10.08
C ARG C 18 21.22 24.15 -10.43
N HIS C 19 22.09 23.97 -9.43
CA HIS C 19 23.52 23.90 -9.70
C HIS C 19 23.87 22.64 -10.49
N LEU C 20 23.25 21.52 -10.14
CA LEU C 20 23.55 20.28 -10.85
C LEU C 20 23.18 20.38 -12.33
N LEU C 21 22.15 21.16 -12.65
CA LEU C 21 21.86 21.42 -14.06
C LEU C 21 22.90 22.34 -14.67
N GLN C 22 23.39 23.31 -13.90
CA GLN C 22 24.45 24.21 -14.36
C GLN C 22 25.82 23.61 -14.11
N LEU C 23 25.98 22.35 -14.55
CA LEU C 23 27.18 21.57 -14.35
C LEU C 23 27.59 21.09 -15.74
N GLY C 24 28.38 21.91 -16.42
CA GLY C 24 28.76 21.59 -17.79
C GLY C 24 29.87 20.57 -17.87
N LEU C 25 29.66 19.40 -17.28
CA LEU C 25 30.67 18.36 -17.32
C LEU C 25 30.95 17.95 -18.75
N LYS C 26 29.94 17.41 -19.43
CA LYS C 26 30.05 16.90 -20.78
C LYS C 26 28.69 16.30 -21.13
N ARG C 27 28.54 15.88 -22.37
CA ARG C 27 27.34 15.17 -22.83
C ARG C 27 27.76 13.75 -23.22
N SER C 28 27.50 12.80 -22.35
CA SER C 28 27.88 11.42 -22.62
C SER C 28 27.21 10.92 -23.89
N GLU C 29 27.96 10.15 -24.68
CA GLU C 29 27.43 9.61 -25.92
C GLU C 29 26.51 8.42 -25.70
N ALA C 30 26.58 7.79 -24.52
CA ALA C 30 25.68 6.72 -24.15
C ALA C 30 24.40 7.23 -23.50
N ALA C 31 24.02 8.47 -23.78
CA ALA C 31 22.88 9.12 -23.13
C ALA C 31 21.59 8.62 -23.75
N ILE C 32 21.02 7.56 -23.17
CA ILE C 32 19.70 7.10 -23.59
C ILE C 32 18.66 8.12 -23.11
N PRO C 33 17.72 8.52 -23.96
CA PRO C 33 16.69 9.45 -23.50
C PRO C 33 15.90 8.86 -22.34
N GLN C 34 15.57 9.70 -21.37
CA GLN C 34 14.77 9.34 -20.22
C GLN C 34 13.41 10.01 -20.30
N THR C 35 12.61 9.83 -19.26
CA THR C 35 11.35 10.55 -19.12
C THR C 35 11.03 10.68 -17.65
N ILE C 36 10.63 11.87 -17.24
CA ILE C 36 10.31 12.18 -15.85
C ILE C 36 8.81 12.28 -15.73
N THR C 37 8.17 11.25 -15.17
CA THR C 37 6.75 11.27 -14.90
C THR C 37 6.53 11.91 -13.53
N ARG C 38 5.56 12.81 -13.46
CA ARG C 38 5.27 13.55 -12.24
C ARG C 38 3.76 13.81 -12.23
N THR C 39 3.23 14.19 -11.08
CA THR C 39 1.79 14.36 -10.94
C THR C 39 1.50 15.67 -10.23
N ALA C 40 0.53 16.41 -10.75
CA ALA C 40 -0.01 17.59 -10.09
C ALA C 40 -1.36 17.22 -9.50
N LYS C 41 -1.44 17.26 -8.17
CA LYS C 41 -2.64 16.87 -7.44
C LYS C 41 -3.29 18.16 -6.93
N PHE C 42 -4.24 18.67 -7.70
CA PHE C 42 -5.01 19.84 -7.32
C PHE C 42 -6.28 19.40 -6.61
N LYS C 43 -6.98 20.33 -6.00
CA LYS C 43 -8.24 20.09 -5.25
C LYS C 43 -9.35 20.81 -5.93
N ILE C 44 -10.39 20.11 -6.30
CA ILE C 44 -11.54 20.86 -6.85
C ILE C 44 -12.01 21.76 -5.72
N ASN C 45 -12.33 23.01 -5.99
CA ASN C 45 -12.82 24.02 -5.01
C ASN C 45 -14.30 23.84 -4.94
N THR C 46 -14.74 22.83 -4.23
CA THR C 46 -16.15 22.63 -3.93
C THR C 46 -16.67 23.71 -2.99
N ALA C 47 -15.80 24.30 -2.18
CA ALA C 47 -16.23 25.40 -1.31
C ALA C 47 -16.84 26.52 -2.13
N ILE C 48 -16.16 26.94 -3.19
CA ILE C 48 -16.69 28.00 -4.05
C ILE C 48 -17.91 27.50 -4.82
N LYS C 49 -17.80 26.31 -5.40
CA LYS C 49 -18.90 25.72 -6.18
C LYS C 49 -19.40 24.48 -5.47
N PRO C 50 -20.22 24.64 -4.41
CA PRO C 50 -20.66 23.47 -3.65
C PRO C 50 -21.72 22.63 -4.35
N GLY C 51 -22.26 23.10 -5.47
CA GLY C 51 -23.21 22.31 -6.21
C GLY C 51 -22.62 21.09 -6.90
N LEU C 52 -21.29 21.06 -7.06
CA LEU C 52 -20.64 19.90 -7.65
C LEU C 52 -20.78 18.68 -6.76
N ILE C 53 -20.67 18.87 -5.44
CA ILE C 53 -20.57 17.72 -4.54
C ILE C 53 -21.65 16.69 -4.80
N PRO C 54 -22.94 17.04 -4.87
CA PRO C 54 -23.92 16.03 -5.29
C PRO C 54 -23.63 15.43 -6.65
N LEU C 55 -23.23 16.25 -7.63
CA LEU C 55 -22.97 15.76 -8.98
C LEU C 55 -21.75 14.85 -9.02
N LEU C 56 -20.64 15.31 -8.44
CA LEU C 56 -19.43 14.51 -8.42
C LEU C 56 -19.65 13.21 -7.67
N ASN C 57 -20.35 13.27 -6.53
CA ASN C 57 -20.62 12.07 -5.75
C ASN C 57 -21.53 11.11 -6.50
N ALA C 58 -22.51 11.63 -7.25
CA ALA C 58 -23.35 10.76 -8.05
C ALA C 58 -22.53 10.02 -9.09
N GLN C 59 -21.65 10.73 -9.78
CA GLN C 59 -20.78 10.06 -10.75
C GLN C 59 -19.91 9.01 -10.07
N PHE C 60 -19.33 9.36 -8.91
CA PHE C 60 -18.41 8.46 -8.25
C PHE C 60 -19.09 7.19 -7.77
N ASP C 61 -20.29 7.31 -7.20
CA ASP C 61 -20.99 6.14 -6.70
C ASP C 61 -21.67 5.37 -7.83
N ALA C 62 -21.92 6.00 -8.97
CA ALA C 62 -22.38 5.24 -10.13
C ALA C 62 -21.25 4.39 -10.70
N VAL C 63 -20.02 4.89 -10.67
CA VAL C 63 -18.91 4.12 -11.25
C VAL C 63 -18.44 3.01 -10.30
N GLU C 64 -18.68 3.13 -8.99
CA GLU C 64 -18.40 2.01 -8.09
C GLU C 64 -19.38 0.87 -8.34
N GLY C 65 -20.63 1.19 -8.66
CA GLY C 65 -21.56 0.15 -9.04
C GLY C 65 -21.07 -0.67 -10.22
N PHE C 66 -20.57 0.01 -11.26
CA PHE C 66 -19.98 -0.71 -12.38
C PHE C 66 -18.70 -1.43 -11.96
N ARG C 67 -17.85 -0.77 -11.18
CA ARG C 67 -16.58 -1.37 -10.81
C ARG C 67 -16.81 -2.72 -10.13
N ARG C 68 -17.70 -2.75 -9.15
CA ARG C 68 -17.98 -3.96 -8.41
C ARG C 68 -18.69 -5.00 -9.26
N LYS C 69 -19.57 -4.57 -10.15
CA LYS C 69 -20.24 -5.52 -11.03
C LYS C 69 -19.21 -6.31 -11.86
N VAL C 70 -18.34 -5.59 -12.57
CA VAL C 70 -17.34 -6.25 -13.41
C VAL C 70 -16.33 -7.00 -12.57
N LEU C 71 -15.94 -6.47 -11.41
CA LEU C 71 -14.98 -7.17 -10.58
C LEU C 71 -15.54 -8.50 -10.08
N GLY C 72 -16.77 -8.50 -9.58
CA GLY C 72 -17.37 -9.73 -9.14
C GLY C 72 -17.57 -10.72 -10.28
N GLU C 73 -17.96 -10.22 -11.45
CA GLU C 73 -18.09 -11.12 -12.60
C GLU C 73 -16.76 -11.76 -12.97
N LEU C 74 -15.68 -10.97 -12.93
CA LEU C 74 -14.37 -11.51 -13.25
C LEU C 74 -13.85 -12.46 -12.16
N GLU C 75 -14.25 -12.27 -10.91
CA GLU C 75 -13.88 -13.23 -9.87
C GLU C 75 -14.65 -14.53 -10.04
N ALA C 76 -15.96 -14.45 -10.30
CA ALA C 76 -16.72 -15.65 -10.57
C ALA C 76 -16.14 -16.43 -11.74
N TRP C 77 -15.79 -15.73 -12.82
CA TRP C 77 -15.16 -16.40 -13.95
C TRP C 77 -13.74 -16.86 -13.61
N TRP C 78 -13.09 -16.21 -12.63
CA TRP C 78 -11.73 -16.57 -12.28
C TRP C 78 -11.66 -17.96 -11.68
N ASN C 79 -12.50 -18.22 -10.68
CA ASN C 79 -12.56 -19.53 -10.05
C ASN C 79 -13.25 -20.56 -10.93
N GLU C 80 -14.11 -20.12 -11.84
CA GLU C 80 -14.77 -21.05 -12.76
C GLU C 80 -13.81 -21.54 -13.83
N ASP C 81 -13.12 -20.61 -14.51
CA ASP C 81 -12.21 -20.93 -15.59
C ASP C 81 -10.91 -20.16 -15.39
N PRO C 82 -10.15 -20.50 -14.34
CA PRO C 82 -8.90 -19.77 -14.08
C PRO C 82 -7.86 -19.90 -15.20
N GLU C 83 -7.84 -21.00 -15.94
CA GLU C 83 -6.94 -21.11 -17.08
C GLU C 83 -7.35 -20.18 -18.21
N ALA C 84 -8.64 -20.21 -18.58
CA ALA C 84 -9.12 -19.27 -19.59
C ALA C 84 -9.00 -17.84 -19.10
N PHE C 85 -9.16 -17.63 -17.80
CA PHE C 85 -9.00 -16.28 -17.26
C PHE C 85 -7.56 -15.79 -17.41
N GLN C 86 -6.59 -16.66 -17.13
CA GLN C 86 -5.20 -16.29 -17.29
C GLN C 86 -4.84 -16.08 -18.76
N LYS C 87 -5.52 -16.80 -19.66
CA LYS C 87 -5.39 -16.51 -21.08
C LYS C 87 -5.93 -15.13 -21.42
N MET C 88 -7.08 -14.77 -20.84
CA MET C 88 -7.68 -13.47 -21.15
C MET C 88 -6.79 -12.32 -20.69
N VAL C 89 -6.30 -12.39 -19.45
CA VAL C 89 -5.66 -11.21 -18.88
C VAL C 89 -4.43 -10.81 -19.70
N LYS C 90 -3.54 -11.77 -19.95
CA LYS C 90 -2.28 -11.48 -20.63
C LYS C 90 -2.40 -11.85 -22.11
N CYS C 91 -3.28 -11.13 -22.80
CA CYS C 91 -3.39 -11.26 -24.25
C CYS C 91 -2.32 -10.42 -24.92
N SER C 92 -2.38 -10.35 -26.25
CA SER C 92 -1.46 -9.50 -27.00
C SER C 92 -1.79 -9.52 -28.49
N MET C 93 -0.96 -8.86 -29.30
CA MET C 93 -1.19 -8.87 -30.74
C MET C 93 -0.96 -10.25 -31.34
N LYS C 94 -0.25 -11.12 -30.62
CA LYS C 94 0.04 -12.46 -31.13
C LYS C 94 -0.89 -13.51 -30.52
N MET C 95 -1.02 -13.52 -29.20
CA MET C 95 -1.81 -14.52 -28.49
C MET C 95 -3.11 -13.87 -28.04
N LYS C 96 -4.13 -13.95 -28.89
CA LYS C 96 -5.41 -13.32 -28.65
C LYS C 96 -6.32 -14.27 -27.87
N PHE C 97 -7.22 -13.68 -27.08
CA PHE C 97 -8.29 -14.41 -26.42
C PHE C 97 -9.61 -14.02 -27.07
N GLN C 98 -10.27 -15.00 -27.69
CA GLN C 98 -11.49 -14.74 -28.44
C GLN C 98 -11.24 -13.66 -29.50
N GLY C 99 -10.07 -13.73 -30.11
CA GLY C 99 -9.70 -12.76 -31.14
C GLY C 99 -9.66 -11.34 -30.63
N LYS C 100 -9.09 -11.13 -29.44
CA LYS C 100 -8.97 -9.80 -28.85
C LYS C 100 -7.56 -9.60 -28.32
N SER C 101 -7.11 -8.36 -28.39
CA SER C 101 -5.79 -7.95 -27.93
C SER C 101 -5.81 -7.83 -26.41
N SER C 102 -4.85 -7.08 -25.86
CA SER C 102 -4.65 -7.03 -24.41
C SER C 102 -5.96 -6.80 -23.67
N CYS C 103 -5.92 -7.04 -22.36
CA CYS C 103 -7.13 -7.17 -21.54
C CYS C 103 -8.22 -6.17 -21.88
N TYR C 104 -7.86 -4.89 -22.02
CA TYR C 104 -8.87 -3.84 -22.14
C TYR C 104 -9.79 -4.05 -23.33
N ALA C 105 -9.25 -4.55 -24.44
CA ALA C 105 -10.10 -4.82 -25.60
C ALA C 105 -11.19 -5.81 -25.25
N TRP C 106 -10.81 -6.93 -24.63
CA TRP C 106 -11.77 -7.95 -24.26
C TRP C 106 -12.72 -7.46 -23.17
N LEU C 107 -12.22 -6.66 -22.23
CA LEU C 107 -13.09 -6.10 -21.19
C LEU C 107 -14.19 -5.24 -21.81
N TYR C 108 -13.81 -4.34 -22.70
CA TYR C 108 -14.81 -3.54 -23.38
C TYR C 108 -15.77 -4.42 -24.16
N THR C 109 -15.25 -5.43 -24.87
CA THR C 109 -16.13 -6.26 -25.68
C THR C 109 -17.16 -6.97 -24.81
N HIS C 110 -16.71 -7.57 -23.71
CA HIS C 110 -17.59 -8.41 -22.90
C HIS C 110 -18.52 -7.58 -22.03
N PHE C 111 -18.08 -6.41 -21.56
CA PHE C 111 -18.77 -5.71 -20.49
C PHE C 111 -19.43 -4.40 -20.89
N LEU C 112 -18.80 -3.65 -21.81
CA LEU C 112 -19.26 -2.28 -22.20
C LEU C 112 -19.44 -2.14 -23.71
N LYS C 113 -19.44 -3.24 -24.45
CA LYS C 113 -19.75 -3.19 -25.90
C LYS C 113 -21.20 -3.63 -26.04
N GLY C 114 -22.04 -2.80 -26.66
CA GLY C 114 -23.47 -3.13 -26.83
C GLY C 114 -24.10 -3.47 -25.49
N ALA C 115 -23.68 -2.82 -24.40
CA ALA C 115 -24.25 -3.03 -23.04
C ALA C 115 -24.79 -1.71 -22.49
N THR C 116 -26.05 -1.66 -22.05
CA THR C 116 -26.64 -0.44 -21.45
C THR C 116 -25.96 -0.18 -20.10
N LEU C 117 -25.82 1.08 -19.70
CA LEU C 117 -25.14 1.43 -18.43
C LEU C 117 -26.18 1.97 -17.43
N ALA C 118 -25.95 1.73 -16.14
CA ALA C 118 -26.82 2.24 -15.08
C ALA C 118 -27.08 3.72 -15.26
N GLN C 119 -28.28 4.15 -14.89
CA GLN C 119 -28.64 5.56 -14.98
C GLN C 119 -27.64 6.40 -14.19
N GLY C 120 -27.20 7.50 -14.80
CA GLY C 120 -26.25 8.37 -14.15
C GLY C 120 -24.80 7.92 -14.23
N LEU C 121 -24.50 6.91 -15.03
CA LEU C 121 -23.14 6.43 -15.23
C LEU C 121 -22.65 6.88 -16.60
N SER C 122 -21.49 7.54 -16.63
CA SER C 122 -20.92 8.06 -17.86
C SER C 122 -20.05 6.99 -18.51
N ARG C 123 -20.46 6.52 -19.68
CA ARG C 123 -19.78 5.38 -20.30
C ARG C 123 -18.32 5.70 -20.59
N ASP C 124 -17.93 6.97 -20.60
CA ASP C 124 -16.51 7.29 -20.57
C ASP C 124 -15.87 6.88 -19.25
N ALA C 125 -16.57 7.08 -18.13
CA ALA C 125 -16.04 6.61 -16.86
C ALA C 125 -15.92 5.08 -16.82
N ALA C 126 -16.90 4.38 -17.39
CA ALA C 126 -16.81 2.93 -17.50
C ALA C 126 -15.70 2.50 -18.45
N ASN C 127 -15.50 3.25 -19.52
CA ASN C 127 -14.42 2.94 -20.46
C ASN C 127 -13.07 3.07 -19.80
N SER C 128 -12.87 4.12 -19.00
CA SER C 128 -11.63 4.27 -18.27
C SER C 128 -11.50 3.24 -17.15
N LEU C 129 -12.62 2.86 -16.53
CA LEU C 129 -12.58 1.81 -15.52
C LEU C 129 -12.05 0.51 -16.10
N LEU C 130 -12.65 0.04 -17.20
CA LEU C 130 -12.16 -1.18 -17.80
C LEU C 130 -10.79 -1.00 -18.42
N ASP C 131 -10.43 0.23 -18.77
CA ASP C 131 -9.09 0.49 -19.26
C ASP C 131 -8.04 0.26 -18.17
N ASN C 132 -8.34 0.69 -16.95
CA ASN C 132 -7.42 0.54 -15.83
C ASN C 132 -7.54 -0.80 -15.12
N MET C 133 -8.54 -1.62 -15.45
CA MET C 133 -8.71 -2.91 -14.78
C MET C 133 -7.61 -3.90 -15.13
N GLY C 134 -7.13 -3.86 -16.36
CA GLY C 134 -6.18 -4.87 -16.82
C GLY C 134 -4.89 -4.87 -16.05
N GLY C 135 -4.43 -3.70 -15.62
CA GLY C 135 -3.20 -3.60 -14.86
C GLY C 135 -3.33 -4.02 -13.42
N GLY C 136 -4.53 -4.36 -12.97
CA GLY C 136 -4.72 -4.96 -11.67
C GLY C 136 -4.83 -6.46 -11.81
N LEU C 137 -5.54 -6.90 -12.84
CA LEU C 137 -5.59 -8.34 -13.12
C LEU C 137 -4.19 -8.89 -13.43
N LYS C 138 -3.39 -8.14 -14.19
CA LYS C 138 -2.03 -8.58 -14.50
C LYS C 138 -1.18 -8.68 -13.26
N SER C 139 -1.27 -7.70 -12.37
CA SER C 139 -0.49 -7.75 -11.14
C SER C 139 -0.90 -8.94 -10.29
N PHE C 140 -2.21 -9.20 -10.21
CA PHE C 140 -2.67 -10.37 -9.49
C PHE C 140 -2.03 -11.64 -10.05
N LEU C 141 -2.06 -11.81 -11.36
CA LEU C 141 -1.51 -13.02 -11.96
C LEU C 141 -0.01 -13.14 -11.68
N THR C 142 0.74 -12.07 -11.95
CA THR C 142 2.19 -12.14 -11.87
C THR C 142 2.72 -12.09 -10.44
N ARG C 143 1.86 -11.82 -9.46
CA ARG C 143 2.24 -12.05 -8.07
C ARG C 143 1.89 -13.46 -7.63
N ARG C 144 0.74 -13.97 -8.08
CA ARG C 144 0.37 -15.35 -7.77
C ARG C 144 1.40 -16.32 -8.29
N ALA C 145 2.04 -16.03 -9.42
CA ALA C 145 3.06 -16.94 -9.94
C ALA C 145 4.19 -17.11 -8.95
N HIS C 146 4.80 -16.00 -8.53
CA HIS C 146 5.95 -16.07 -7.63
C HIS C 146 5.54 -16.66 -6.30
N VAL C 147 4.38 -16.24 -5.78
CA VAL C 147 3.87 -16.85 -4.56
C VAL C 147 3.79 -18.36 -4.72
N ALA C 148 2.96 -18.83 -5.66
CA ALA C 148 2.82 -20.25 -5.91
C ALA C 148 4.15 -20.96 -5.87
N GLU C 149 5.19 -20.40 -6.49
CA GLU C 149 6.51 -21.04 -6.42
C GLU C 149 7.00 -21.12 -4.98
N GLU C 150 6.94 -20.01 -4.24
CA GLU C 150 7.47 -20.00 -2.88
C GLU C 150 6.70 -20.94 -1.95
N ILE C 151 5.37 -20.94 -2.06
CA ILE C 151 4.56 -21.80 -1.20
C ILE C 151 4.68 -23.25 -1.62
N ARG C 152 4.98 -23.52 -2.88
CA ARG C 152 5.38 -24.87 -3.27
C ARG C 152 6.64 -25.28 -2.54
N LYS C 153 7.61 -24.37 -2.44
CA LYS C 153 8.83 -24.67 -1.70
C LYS C 153 8.52 -24.99 -0.24
N ARG C 154 7.71 -24.15 0.41
CA ARG C 154 7.39 -24.37 1.81
C ARG C 154 6.62 -25.68 2.01
N TYR C 155 5.68 -25.98 1.12
CA TYR C 155 4.95 -27.23 1.20
C TYR C 155 5.87 -28.42 1.02
N ASP C 156 6.88 -28.25 0.22
CA ASP C 156 7.85 -29.32 -0.08
C ASP C 156 8.55 -29.55 1.23
N GLN C 157 9.06 -28.50 1.84
CA GLN C 157 9.78 -28.60 3.11
C GLN C 157 8.94 -29.34 4.15
N ASN C 158 7.70 -28.89 4.35
CA ASN C 158 6.84 -29.50 5.36
C ASN C 158 6.62 -30.98 5.06
N LEU C 159 6.04 -31.28 3.90
CA LEU C 159 5.71 -32.66 3.58
C LEU C 159 6.93 -33.56 3.60
N GLY C 160 8.12 -33.00 3.35
CA GLY C 160 9.34 -33.79 3.41
C GLY C 160 9.96 -33.92 4.78
N ASP C 161 9.55 -33.10 5.74
CA ASP C 161 10.00 -33.26 7.12
C ASP C 161 8.85 -33.46 8.10
N TRP C 162 7.67 -33.82 7.61
CA TRP C 162 6.51 -34.07 8.45
C TRP C 162 5.75 -35.28 7.93
N ASP C 163 5.55 -36.26 8.82
CA ASP C 163 5.04 -37.59 8.53
C ASP C 163 6.03 -38.39 7.69
N ASP C 164 7.14 -37.78 7.25
CA ASP C 164 8.19 -38.49 6.53
C ASP C 164 9.49 -37.76 6.83
N GLY C 165 10.25 -38.26 7.79
CA GLY C 165 11.57 -37.73 8.06
C GLY C 165 11.79 -37.22 9.48
N LEU C 166 10.81 -36.52 10.04
CA LEU C 166 10.92 -35.95 11.39
C LEU C 166 9.90 -36.57 12.33
N LYS C 167 9.62 -37.86 12.12
CA LYS C 167 8.80 -38.62 13.05
C LYS C 167 9.64 -39.36 14.09
N ASP C 168 10.96 -39.16 14.09
CA ASP C 168 11.78 -39.69 15.18
C ASP C 168 11.37 -39.05 16.51
N LEU C 169 11.11 -37.75 16.50
CA LEU C 169 10.66 -37.08 17.71
C LEU C 169 9.30 -37.61 18.16
N ALA C 170 8.38 -37.82 17.21
CA ALA C 170 7.09 -38.42 17.56
C ALA C 170 7.27 -39.88 17.95
N ALA C 171 8.27 -40.56 17.40
CA ALA C 171 8.55 -41.94 17.79
C ALA C 171 9.15 -42.01 19.19
N GLU C 172 9.80 -40.95 19.65
CA GLU C 172 10.36 -40.93 21.00
C GLU C 172 9.29 -40.93 22.08
N HIS C 173 8.04 -40.64 21.74
CA HIS C 173 6.94 -40.62 22.71
C HIS C 173 5.69 -41.12 22.01
N GLY C 174 4.54 -40.95 22.67
CA GLY C 174 3.28 -41.37 22.13
C GLY C 174 2.76 -40.42 21.06
N LEU C 175 1.44 -40.41 20.88
CA LEU C 175 0.79 -39.51 19.93
C LEU C 175 1.36 -39.71 18.52
N GLU C 176 1.13 -40.93 18.01
CA GLU C 176 1.71 -41.38 16.76
C GLU C 176 1.81 -40.28 15.72
N LEU C 177 0.67 -39.72 15.30
CA LEU C 177 0.68 -38.73 14.24
C LEU C 177 -0.69 -38.05 14.16
N PRO C 178 -0.75 -36.74 13.96
CA PRO C 178 -2.05 -36.08 13.75
C PRO C 178 -2.67 -36.50 12.44
N PRO C 179 -3.81 -35.93 12.06
CA PRO C 179 -4.37 -36.26 10.75
C PRO C 179 -3.37 -35.95 9.65
N PRO C 180 -3.45 -36.65 8.52
CA PRO C 180 -2.45 -36.45 7.48
C PRO C 180 -2.66 -35.12 6.77
N PRO C 181 -1.60 -34.53 6.23
CA PRO C 181 -1.76 -33.25 5.53
C PRO C 181 -2.61 -33.41 4.30
N PRO C 182 -3.35 -32.37 3.91
CA PRO C 182 -4.16 -32.47 2.69
C PRO C 182 -3.29 -32.39 1.44
N ARG C 183 -3.85 -32.87 0.34
CA ARG C 183 -3.18 -32.82 -0.95
C ARG C 183 -3.52 -31.52 -1.65
N VAL C 184 -2.50 -30.78 -2.06
CA VAL C 184 -2.65 -29.50 -2.72
C VAL C 184 -2.17 -29.66 -4.16
N ASN C 185 -3.07 -29.42 -5.11
CA ASN C 185 -2.75 -29.54 -6.53
C ASN C 185 -2.04 -28.26 -6.97
N PHE C 186 -0.73 -28.24 -6.75
CA PHE C 186 0.05 -27.06 -7.09
C PHE C 186 0.13 -26.82 -8.59
N GLU C 187 -0.30 -27.79 -9.40
CA GLU C 187 -0.51 -27.51 -10.82
C GLU C 187 -1.55 -26.42 -11.00
N LYS C 188 -2.65 -26.49 -10.25
CA LYS C 188 -3.65 -25.43 -10.21
C LYS C 188 -4.09 -25.28 -8.76
N LEU C 189 -3.39 -24.42 -8.02
CA LEU C 189 -3.71 -24.17 -6.62
C LEU C 189 -4.72 -23.04 -6.51
N THR C 190 -5.65 -23.19 -5.59
CA THR C 190 -6.74 -22.24 -5.41
C THR C 190 -6.61 -21.56 -4.05
N ALA C 191 -7.45 -20.57 -3.83
CA ALA C 191 -7.57 -19.99 -2.50
C ALA C 191 -8.23 -20.97 -1.54
N GLN C 192 -9.18 -21.77 -2.04
CA GLN C 192 -9.85 -22.74 -1.19
C GLN C 192 -8.89 -23.84 -0.73
N GLU C 193 -8.08 -24.36 -1.66
CA GLU C 193 -7.14 -25.40 -1.32
C GLU C 193 -6.09 -24.90 -0.34
N ILE C 194 -5.56 -23.70 -0.57
CA ILE C 194 -4.60 -23.11 0.34
C ILE C 194 -5.24 -22.87 1.70
N GLU C 195 -6.51 -22.47 1.71
CA GLU C 195 -7.21 -22.30 2.98
C GLU C 195 -7.26 -23.61 3.75
N LYS C 196 -7.71 -24.69 3.09
CA LYS C 196 -7.89 -25.94 3.81
C LYS C 196 -6.57 -26.63 4.12
N TYR C 197 -5.47 -26.20 3.49
CA TYR C 197 -4.15 -26.68 3.91
C TYR C 197 -3.62 -25.88 5.09
N ASN C 198 -3.78 -24.56 5.06
CA ASN C 198 -3.36 -23.75 6.20
C ASN C 198 -4.15 -24.11 7.44
N ASP C 199 -5.40 -24.53 7.27
CA ASP C 199 -6.18 -24.99 8.43
C ASP C 199 -5.50 -26.19 9.08
N TRP C 200 -5.03 -27.15 8.28
CA TRP C 200 -4.32 -28.29 8.85
C TRP C 200 -2.98 -27.90 9.43
N VAL C 201 -2.28 -26.94 8.82
CA VAL C 201 -1.05 -26.42 9.41
C VAL C 201 -1.35 -25.88 10.81
N GLY C 202 -2.43 -25.11 10.94
CA GLY C 202 -2.80 -24.60 12.24
C GLY C 202 -3.17 -25.70 13.22
N ARG C 203 -3.94 -26.69 12.75
CA ARG C 203 -4.31 -27.80 13.62
C ARG C 203 -3.08 -28.50 14.16
N THR C 204 -2.10 -28.76 13.31
CA THR C 204 -0.91 -29.49 13.75
C THR C 204 -0.02 -28.63 14.62
N ARG C 205 0.08 -27.33 14.36
CA ARG C 205 0.83 -26.45 15.25
C ARG C 205 0.17 -26.40 16.63
N ALA C 206 -1.16 -26.29 16.67
CA ALA C 206 -1.88 -26.29 17.93
C ALA C 206 -1.75 -27.63 18.64
N TRP C 207 -1.72 -28.72 17.89
CA TRP C 207 -1.49 -30.03 18.49
C TRP C 207 -0.10 -30.11 19.10
N GLY C 208 0.91 -29.58 18.40
CA GLY C 208 2.25 -29.57 18.96
C GLY C 208 2.32 -28.76 20.24
N ASN C 209 1.67 -27.60 20.26
CA ASN C 209 1.67 -26.80 21.49
C ASN C 209 0.86 -27.48 22.59
N LEU C 210 -0.22 -28.17 22.22
CA LEU C 210 -1.03 -28.89 23.21
C LEU C 210 -0.22 -30.02 23.85
N LEU C 211 0.54 -30.75 23.03
CA LEU C 211 1.42 -31.81 23.52
C LEU C 211 2.79 -31.23 23.88
N LEU C 212 2.76 -30.22 24.75
CA LEU C 212 3.96 -29.59 25.28
C LEU C 212 4.58 -30.36 26.43
N ILE C 213 3.92 -31.42 26.90
CA ILE C 213 4.43 -32.18 28.04
C ILE C 213 5.55 -33.14 27.64
N GLN C 214 5.69 -33.46 26.35
CA GLN C 214 6.70 -34.40 25.87
C GLN C 214 7.96 -33.68 25.40
N LYS C 215 8.33 -32.59 26.05
CA LYS C 215 9.51 -31.80 25.66
C LYS C 215 9.37 -31.28 24.23
N LYS C 216 8.15 -30.87 23.88
CA LYS C 216 7.87 -30.28 22.57
C LYS C 216 7.82 -28.76 22.65
N LYS C 217 8.70 -28.17 23.46
CA LYS C 217 8.80 -26.73 23.56
C LYS C 217 9.47 -26.18 22.32
N VAL C 218 8.82 -26.33 21.17
CA VAL C 218 9.35 -25.91 19.88
C VAL C 218 8.64 -24.68 19.35
N GLU C 219 7.80 -24.04 20.16
CA GLU C 219 7.07 -22.86 19.70
C GLU C 219 8.04 -21.79 19.22
N ARG C 220 9.14 -21.60 19.94
CA ARG C 220 10.24 -20.76 19.48
C ARG C 220 11.55 -21.51 19.34
N ARG C 221 11.66 -22.70 19.92
CA ARG C 221 12.84 -23.54 19.71
C ARG C 221 12.80 -24.17 18.33
N ASP C 222 13.97 -24.27 17.70
CA ASP C 222 14.07 -24.64 16.29
C ASP C 222 13.91 -26.14 16.13
N ALA C 223 12.66 -26.56 15.88
CA ALA C 223 12.35 -27.96 15.59
C ALA C 223 10.87 -28.06 15.26
N CYS C 224 10.54 -29.02 14.39
CA CYS C 224 9.15 -29.30 14.02
C CYS C 224 8.55 -28.02 13.44
N LEU C 225 7.34 -27.61 13.83
CA LEU C 225 6.70 -26.40 13.32
C LEU C 225 6.46 -26.45 11.82
N PRO C 226 5.51 -27.24 11.34
CA PRO C 226 5.13 -27.16 9.92
C PRO C 226 4.72 -25.74 9.55
N ARG C 227 5.52 -25.13 8.68
CA ARG C 227 5.33 -23.72 8.37
C ARG C 227 4.07 -23.52 7.53
N TYR C 228 3.60 -22.28 7.48
CA TYR C 228 2.38 -21.92 6.78
C TYR C 228 2.63 -21.69 5.29
N LEU C 229 1.54 -21.80 4.52
CA LEU C 229 1.51 -21.34 3.15
C LEU C 229 0.94 -19.92 3.15
N LYS C 230 1.79 -18.94 2.86
CA LYS C 230 1.42 -17.54 2.96
C LYS C 230 1.71 -16.82 1.65
N GLY C 231 1.02 -15.70 1.45
CA GLY C 231 1.30 -14.80 0.36
C GLY C 231 0.38 -14.90 -0.83
N TYR C 232 -0.55 -15.86 -0.85
CA TYR C 232 -1.42 -16.01 -1.99
C TYR C 232 -2.24 -14.74 -2.19
N PRO C 233 -2.27 -14.17 -3.40
CA PRO C 233 -3.01 -12.93 -3.58
C PRO C 233 -4.52 -13.16 -3.56
N GLY C 234 -5.25 -12.11 -3.19
CA GLY C 234 -6.69 -12.12 -3.29
C GLY C 234 -7.11 -11.47 -4.59
N PHE C 235 -7.89 -12.19 -5.38
CA PHE C 235 -8.33 -11.66 -6.65
C PHE C 235 -8.74 -10.20 -6.47
N PRO C 236 -8.46 -9.31 -7.42
CA PRO C 236 -8.75 -7.90 -7.22
C PRO C 236 -10.22 -7.68 -6.86
N GLY C 237 -10.45 -6.77 -5.92
CA GLY C 237 -11.79 -6.47 -5.46
C GLY C 237 -12.30 -7.37 -4.36
N SER C 238 -11.66 -8.52 -4.14
CA SER C 238 -12.10 -9.44 -3.10
C SER C 238 -12.03 -8.78 -1.73
N GLN C 239 -10.88 -8.19 -1.40
CA GLN C 239 -10.68 -7.56 -0.11
C GLN C 239 -10.94 -6.06 -0.14
N ARG C 240 -11.40 -5.52 -1.27
CA ARG C 240 -11.71 -4.09 -1.37
C ARG C 240 -13.16 -3.81 -1.03
N TYR C 241 -14.08 -4.48 -1.71
CA TYR C 241 -15.51 -4.31 -1.50
C TYR C 241 -16.12 -5.47 -0.73
N ALA C 242 -15.39 -6.00 0.24
CA ALA C 242 -15.97 -6.98 1.14
C ALA C 242 -17.09 -6.34 1.95
N THR C 243 -18.10 -7.14 2.28
CA THR C 243 -19.32 -6.60 2.88
C THR C 243 -19.05 -5.88 4.18
N ALA C 244 -18.03 -6.30 4.93
CA ALA C 244 -17.76 -5.74 6.26
C ALA C 244 -18.99 -5.92 7.14
N SER C 245 -19.10 -5.13 8.21
CA SER C 245 -20.22 -5.26 9.11
C SER C 245 -20.44 -3.96 9.86
N ALA C 246 -21.70 -3.64 10.13
CA ALA C 246 -22.06 -2.47 10.91
C ALA C 246 -22.03 -2.82 12.39
N MET C 247 -22.39 -1.87 13.24
CA MET C 247 -22.41 -2.13 14.68
C MET C 247 -23.70 -2.81 15.12
N ALA C 248 -24.85 -2.25 14.74
CA ALA C 248 -26.12 -2.77 15.24
C ALA C 248 -26.28 -4.25 14.93
N ALA C 249 -25.91 -4.66 13.72
CA ALA C 249 -25.98 -6.08 13.37
C ALA C 249 -25.04 -6.89 14.26
N ALA C 250 -23.83 -6.36 14.50
CA ALA C 250 -22.87 -7.07 15.32
C ALA C 250 -23.39 -7.27 16.74
N LEU C 251 -23.94 -6.22 17.34
CA LEU C 251 -24.45 -6.34 18.70
C LEU C 251 -25.68 -7.21 18.76
N ALA C 252 -26.52 -7.18 17.71
CA ALA C 252 -27.68 -8.06 17.67
C ALA C 252 -27.27 -9.52 17.60
N GLU C 253 -26.27 -9.86 16.77
CA GLU C 253 -25.86 -11.25 16.70
C GLU C 253 -25.18 -11.67 18.00
N LEU C 254 -24.40 -10.77 18.61
CA LEU C 254 -23.80 -11.09 19.90
C LEU C 254 -24.86 -11.34 20.95
N GLU C 255 -25.91 -10.51 20.98
CA GLU C 255 -26.92 -10.68 22.02
C GLU C 255 -27.74 -11.94 21.77
N GLN C 256 -27.95 -12.30 20.50
CA GLN C 256 -28.61 -13.56 20.20
C GLN C 256 -27.80 -14.74 20.69
N ALA C 257 -26.48 -14.74 20.43
CA ALA C 257 -25.65 -15.83 20.92
C ALA C 257 -25.65 -15.88 22.45
N ALA C 258 -25.54 -14.73 23.10
CA ALA C 258 -25.52 -14.69 24.56
C ALA C 258 -26.84 -15.17 25.15
N ARG C 259 -27.96 -14.78 24.54
CA ARG C 259 -29.26 -15.22 25.03
C ARG C 259 -29.44 -16.71 24.78
N GLU C 260 -28.92 -17.23 23.67
CA GLU C 260 -28.91 -18.67 23.44
C GLU C 260 -28.21 -19.39 24.59
N GLN C 261 -27.01 -18.93 24.94
CA GLN C 261 -26.26 -19.58 26.01
C GLN C 261 -26.98 -19.44 27.35
N TYR C 262 -27.57 -18.28 27.61
CA TYR C 262 -28.31 -18.08 28.84
C TYR C 262 -29.48 -19.06 28.94
N GLY C 263 -30.23 -19.21 27.85
CA GLY C 263 -31.37 -20.12 27.86
C GLY C 263 -30.94 -21.57 28.02
N LYS C 264 -29.90 -21.98 27.31
CA LYS C 264 -29.48 -23.38 27.36
C LYS C 264 -28.68 -23.70 28.62
N ALA C 265 -28.24 -22.70 29.38
CA ALA C 265 -27.49 -22.97 30.60
C ALA C 265 -28.40 -23.30 31.78
N ARG C 266 -29.68 -23.62 31.53
CA ARG C 266 -30.60 -23.85 32.63
C ARG C 266 -30.17 -25.02 33.50
N ALA C 267 -29.73 -26.12 32.88
CA ALA C 267 -29.35 -27.30 33.64
C ALA C 267 -28.10 -27.99 33.13
N ARG C 268 -27.38 -27.42 32.15
CA ARG C 268 -26.08 -27.99 31.80
C ARG C 268 -25.15 -27.99 33.00
N PHE C 269 -25.33 -27.03 33.92
CA PHE C 269 -24.60 -27.04 35.17
C PHE C 269 -24.95 -28.27 36.01
N ALA C 270 -26.23 -28.59 36.10
CA ALA C 270 -26.71 -29.67 36.95
C ALA C 270 -26.63 -31.03 36.23
N LYS C 271 -25.47 -31.32 35.67
CA LYS C 271 -25.20 -32.61 35.06
C LYS C 271 -24.32 -33.49 35.95
N VAL C 272 -23.24 -32.93 36.46
CA VAL C 272 -22.44 -33.58 37.50
C VAL C 272 -22.38 -32.71 38.76
N SER C 273 -21.97 -31.46 38.63
CA SER C 273 -22.08 -30.46 39.69
C SER C 273 -21.46 -30.93 41.00
N ALA C 274 -20.57 -31.92 40.94
CA ALA C 274 -19.82 -32.36 42.11
C ALA C 274 -18.41 -31.79 42.14
N GLU C 275 -17.64 -32.00 41.07
CA GLU C 275 -16.37 -31.33 40.88
C GLU C 275 -16.41 -30.31 39.75
N SER C 276 -17.45 -30.33 38.92
CA SER C 276 -17.58 -29.30 37.89
C SER C 276 -17.84 -27.94 38.51
N TRP C 277 -18.72 -27.87 39.51
CA TRP C 277 -19.02 -26.58 40.12
C TRP C 277 -17.83 -26.05 40.91
N ALA C 278 -17.02 -26.93 41.49
CA ALA C 278 -15.83 -26.45 42.17
C ALA C 278 -14.91 -25.71 41.20
N GLN C 279 -14.70 -26.28 40.01
CA GLN C 279 -13.87 -25.63 39.00
C GLN C 279 -14.55 -24.38 38.46
N THR C 280 -15.89 -24.41 38.34
CA THR C 280 -16.63 -23.23 37.90
C THR C 280 -16.41 -22.07 38.86
N VAL C 281 -16.53 -22.33 40.16
CA VAL C 281 -16.30 -21.28 41.15
C VAL C 281 -14.85 -20.87 41.16
N GLU C 282 -13.92 -21.82 40.96
CA GLU C 282 -12.51 -21.47 40.94
C GLU C 282 -12.20 -20.52 39.79
N ARG C 283 -12.77 -20.76 38.62
CA ARG C 283 -12.50 -19.91 37.47
C ARG C 283 -13.07 -18.52 37.69
N PHE C 284 -14.34 -18.43 38.08
CA PHE C 284 -15.02 -17.15 38.31
C PHE C 284 -15.11 -16.93 39.81
N ALA C 285 -14.05 -16.35 40.36
CA ALA C 285 -13.93 -16.03 41.78
C ALA C 285 -13.39 -14.63 41.93
N PRO C 286 -13.61 -13.99 43.09
CA PRO C 286 -13.15 -12.60 43.25
C PRO C 286 -11.65 -12.47 43.07
N ALA C 287 -11.25 -11.32 42.55
CA ALA C 287 -9.84 -11.03 42.32
C ALA C 287 -9.33 -10.02 43.36
N PRO C 298 -11.24 0.06 37.24
CA PRO C 298 -12.39 -0.27 36.41
C PRO C 298 -12.64 -1.77 36.33
N ARG C 299 -13.56 -2.28 37.15
CA ARG C 299 -13.84 -3.71 37.12
C ARG C 299 -14.28 -4.13 35.72
N THR C 300 -13.66 -5.18 35.20
CA THR C 300 -14.08 -5.72 33.92
C THR C 300 -15.42 -6.45 34.07
N ALA C 301 -15.95 -6.91 32.94
CA ALA C 301 -17.15 -7.74 33.01
C ALA C 301 -16.86 -9.04 33.75
N HIS C 302 -15.73 -9.68 33.44
CA HIS C 302 -15.33 -10.88 34.16
C HIS C 302 -15.12 -10.57 35.62
N GLN C 303 -14.30 -9.56 35.91
CA GLN C 303 -14.01 -9.23 37.30
C GLN C 303 -15.29 -8.91 38.04
N THR C 304 -16.17 -8.12 37.42
CA THR C 304 -17.42 -7.74 38.06
C THR C 304 -18.25 -8.97 38.43
N VAL C 305 -18.62 -9.77 37.43
CA VAL C 305 -19.49 -10.90 37.68
C VAL C 305 -18.84 -11.84 38.69
N SER C 306 -17.58 -12.22 38.45
CA SER C 306 -16.90 -13.17 39.31
C SER C 306 -16.84 -12.68 40.75
N ALA C 307 -16.36 -11.46 40.96
CA ALA C 307 -16.12 -10.96 42.30
C ALA C 307 -17.40 -10.59 43.03
N ARG C 308 -18.51 -10.38 42.32
CA ARG C 308 -19.72 -9.94 42.97
C ARG C 308 -20.80 -11.01 43.02
N LEU C 309 -21.26 -11.48 41.86
CA LEU C 309 -22.55 -12.16 41.83
C LEU C 309 -22.42 -13.59 42.33
N ALA C 310 -21.43 -14.35 41.84
CA ALA C 310 -21.21 -15.68 42.40
C ALA C 310 -20.71 -15.61 43.83
N ALA C 311 -19.87 -14.62 44.13
CA ALA C 311 -19.28 -14.54 45.46
C ALA C 311 -20.33 -14.30 46.54
N LEU C 312 -21.33 -13.46 46.25
CA LEU C 312 -22.32 -13.08 47.26
C LEU C 312 -23.65 -13.80 47.10
N ILE C 313 -23.99 -14.31 45.91
CA ILE C 313 -25.20 -15.08 45.72
C ILE C 313 -25.05 -16.51 46.22
N ALA C 314 -23.82 -16.99 46.37
CA ALA C 314 -23.62 -18.39 46.76
C ALA C 314 -23.68 -18.58 48.27
N ALA C 315 -23.09 -17.66 49.03
CA ALA C 315 -22.85 -17.92 50.44
C ALA C 315 -24.14 -18.15 51.22
N GLN C 316 -24.94 -17.10 51.43
CA GLN C 316 -26.20 -17.29 52.14
C GLN C 316 -27.36 -17.69 51.21
N PRO C 317 -27.57 -17.00 50.07
CA PRO C 317 -28.84 -17.18 49.35
C PRO C 317 -28.77 -18.21 48.23
N GLY C 318 -29.92 -18.47 47.62
CA GLY C 318 -29.96 -19.19 46.35
C GLY C 318 -29.14 -20.46 46.28
N TRP C 319 -29.57 -21.49 47.00
CA TRP C 319 -28.88 -22.77 46.96
C TRP C 319 -29.22 -23.47 45.65
N GLN C 320 -28.88 -24.76 45.54
CA GLN C 320 -29.10 -25.50 44.31
C GLN C 320 -28.33 -24.83 43.17
N PRO C 321 -26.99 -25.01 43.14
CA PRO C 321 -26.15 -24.21 42.22
C PRO C 321 -26.76 -23.95 40.85
N ALA C 322 -27.58 -24.87 40.36
CA ALA C 322 -28.27 -24.61 39.10
C ALA C 322 -29.10 -23.34 39.18
N GLN C 323 -29.84 -23.16 40.27
CA GLN C 323 -30.70 -22.00 40.40
C GLN C 323 -29.91 -20.70 40.45
N LEU C 324 -28.79 -20.69 41.20
CA LEU C 324 -28.03 -19.45 41.32
C LEU C 324 -27.24 -19.17 40.04
N ALA C 325 -27.00 -20.19 39.22
CA ALA C 325 -26.43 -19.94 37.91
C ALA C 325 -27.36 -19.07 37.07
N GLU C 326 -28.66 -19.36 37.12
CA GLU C 326 -29.63 -18.51 36.44
C GLU C 326 -29.61 -17.09 36.98
N GLU C 327 -29.45 -16.92 38.30
CA GLU C 327 -29.44 -15.57 38.85
C GLU C 327 -28.18 -14.80 38.44
N ILE C 328 -27.02 -15.45 38.47
CA ILE C 328 -25.81 -14.75 38.04
C ILE C 328 -25.88 -14.41 36.55
N LEU C 329 -26.47 -15.30 35.75
CA LEU C 329 -26.61 -14.99 34.34
C LEU C 329 -27.64 -13.90 34.11
N ALA C 330 -28.66 -13.81 34.97
CA ALA C 330 -29.59 -12.69 34.91
C ALA C 330 -28.86 -11.39 35.22
N GLY C 331 -27.99 -11.40 36.21
CA GLY C 331 -27.19 -10.22 36.50
C GLY C 331 -26.32 -9.84 35.32
N VAL C 332 -25.55 -10.79 34.77
CA VAL C 332 -24.62 -10.50 33.66
C VAL C 332 -25.46 -9.92 32.57
N LEU C 333 -26.69 -10.43 32.42
CA LEU C 333 -27.67 -9.98 31.39
C LEU C 333 -28.58 -8.90 31.97
N ARG C 334 -28.09 -8.09 32.90
CA ARG C 334 -28.83 -6.92 33.43
C ARG C 334 -28.32 -5.77 32.57
N GLY C 335 -27.37 -6.04 31.67
CA GLY C 335 -26.83 -5.05 30.72
C GLY C 335 -27.87 -4.70 29.68
N ALA C 336 -29.14 -4.97 29.95
CA ALA C 336 -30.26 -4.56 29.08
C ALA C 336 -30.22 -3.04 29.03
N GLU C 337 -29.92 -2.38 30.16
CA GLU C 337 -29.84 -0.89 30.23
C GLU C 337 -28.85 -0.37 29.18
N LYS C 338 -27.77 -1.08 28.85
CA LYS C 338 -26.88 -0.70 27.76
C LYS C 338 -27.57 -0.79 26.42
N LEU C 339 -28.32 -1.88 26.21
CA LEU C 339 -29.15 -1.98 25.02
C LEU C 339 -30.11 -0.81 24.94
N LYS C 340 -30.61 -0.35 26.10
CA LYS C 340 -31.46 0.83 26.14
C LYS C 340 -30.71 2.08 25.71
N THR C 341 -29.50 2.28 26.25
CA THR C 341 -28.73 3.48 25.88
C THR C 341 -28.42 3.49 24.39
N HIS C 342 -28.13 2.33 23.81
CA HIS C 342 -27.88 2.28 22.37
C HIS C 342 -29.14 2.51 21.58
N LEU C 343 -30.11 1.61 21.70
CA LEU C 343 -31.27 1.63 20.81
C LEU C 343 -32.12 2.88 21.05
N SER C 344 -32.43 3.16 22.31
CA SER C 344 -33.19 4.34 22.67
C SER C 344 -32.27 5.55 22.69
N LYS C 345 -32.72 6.64 23.29
CA LYS C 345 -31.98 7.90 23.32
C LYS C 345 -30.48 7.66 23.32
N CYS C 346 -29.78 8.38 22.43
CA CYS C 346 -28.36 8.17 22.15
C CYS C 346 -28.19 7.04 21.16
N GLY C 347 -27.03 6.94 20.51
CA GLY C 347 -26.81 6.01 19.44
C GLY C 347 -25.67 5.04 19.71
N SER C 348 -25.17 4.44 18.64
CA SER C 348 -24.07 3.50 18.71
C SER C 348 -22.70 4.15 18.55
N HIS C 349 -22.64 5.48 18.62
CA HIS C 349 -21.39 6.20 18.51
C HIS C 349 -20.65 6.32 19.84
N ASP C 350 -21.28 5.93 20.95
CA ASP C 350 -20.60 5.86 22.24
C ASP C 350 -19.85 4.55 22.31
N ARG C 351 -18.55 4.59 22.02
CA ARG C 351 -17.74 3.38 22.10
C ARG C 351 -17.74 2.80 23.50
N GLN C 352 -17.82 3.65 24.53
CA GLN C 352 -17.76 3.14 25.89
C GLN C 352 -18.91 2.19 26.18
N ALA C 353 -20.13 2.59 25.83
CA ALA C 353 -21.28 1.74 26.07
C ALA C 353 -21.20 0.47 25.25
N VAL C 354 -20.77 0.58 23.99
CA VAL C 354 -20.70 -0.59 23.13
C VAL C 354 -19.69 -1.60 23.65
N ILE C 355 -18.52 -1.12 24.09
CA ILE C 355 -17.51 -2.03 24.58
C ILE C 355 -17.97 -2.68 25.89
N LYS C 356 -18.65 -1.98 26.77
CA LYS C 356 -19.21 -2.55 28.04
C LYS C 356 -20.37 -3.48 27.75
N LEU C 357 -21.11 -3.32 26.72
CA LEU C 357 -22.15 -4.29 26.38
C LEU C 357 -21.56 -5.54 25.77
N ALA C 358 -20.58 -5.37 24.87
CA ALA C 358 -19.93 -6.53 24.26
C ALA C 358 -19.21 -7.37 25.29
N ASN C 359 -18.54 -6.73 26.24
CA ASN C 359 -17.88 -7.46 27.31
C ASN C 359 -18.90 -8.23 28.14
N LEU C 360 -20.04 -7.62 28.44
CA LEU C 360 -21.06 -8.31 29.23
C LEU C 360 -21.57 -9.54 28.50
N TYR C 361 -21.82 -9.42 27.19
CA TYR C 361 -22.26 -10.60 26.43
C TYR C 361 -21.20 -11.69 26.41
N ASN C 362 -19.95 -11.28 26.18
CA ASN C 362 -18.88 -12.27 26.11
C ASN C 362 -18.74 -13.02 27.42
N VAL C 363 -18.81 -12.31 28.55
CA VAL C 363 -18.67 -12.99 29.84
C VAL C 363 -19.91 -13.82 30.13
N ALA C 364 -21.09 -13.35 29.76
CA ALA C 364 -22.28 -14.17 29.88
C ALA C 364 -22.04 -15.53 29.24
N VAL C 365 -21.57 -15.52 28.00
CA VAL C 365 -21.31 -16.79 27.31
C VAL C 365 -20.21 -17.57 28.02
N ALA C 366 -19.10 -16.89 28.36
CA ALA C 366 -17.93 -17.59 28.89
C ALA C 366 -18.26 -18.33 30.16
N PHE C 367 -19.00 -17.70 31.06
CA PHE C 367 -19.44 -18.37 32.29
C PHE C 367 -20.65 -19.27 32.06
N ALA C 368 -21.37 -19.10 30.96
CA ALA C 368 -22.49 -19.97 30.66
C ALA C 368 -22.00 -21.33 30.15
N LEU C 369 -20.94 -21.34 29.37
CA LEU C 369 -20.34 -22.58 28.88
C LEU C 369 -19.36 -23.18 29.86
N GLU C 370 -19.28 -22.64 31.04
CA GLU C 370 -18.23 -23.06 31.95
C GLU C 370 -18.40 -24.56 32.17
N PRO C 371 -19.51 -25.14 32.59
CA PRO C 371 -19.54 -26.58 32.86
C PRO C 371 -18.98 -27.42 31.72
N VAL C 372 -19.26 -27.05 30.47
CA VAL C 372 -18.69 -27.76 29.34
C VAL C 372 -17.17 -27.60 29.33
N ARG C 373 -16.69 -26.40 29.58
CA ARG C 373 -15.25 -26.16 29.59
C ARG C 373 -14.56 -27.03 30.65
N VAL C 374 -15.18 -27.14 31.82
CA VAL C 374 -14.61 -27.98 32.88
C VAL C 374 -14.61 -29.45 32.46
N ALA C 375 -15.62 -29.88 31.71
CA ALA C 375 -15.69 -31.26 31.24
C ALA C 375 -14.52 -31.61 30.32
N GLY C 376 -13.81 -30.62 29.79
CA GLY C 376 -12.72 -30.89 28.88
C GLY C 376 -13.17 -31.43 27.54
N ASP C 377 -14.29 -30.94 27.02
CA ASP C 377 -14.71 -31.32 25.68
C ASP C 377 -13.88 -30.58 24.63
N TYR C 378 -13.95 -29.25 24.63
CA TYR C 378 -13.25 -28.37 23.70
C TYR C 378 -13.69 -28.57 22.26
N LEU C 379 -14.63 -29.47 21.99
CA LEU C 379 -15.18 -29.68 20.65
C LEU C 379 -16.63 -29.24 20.55
N SER C 380 -17.45 -29.57 21.56
CA SER C 380 -18.77 -28.97 21.67
C SER C 380 -18.66 -27.52 22.14
N PHE C 381 -17.72 -27.25 23.04
CA PHE C 381 -17.53 -25.89 23.53
C PHE C 381 -17.15 -24.95 22.40
N TYR C 382 -16.24 -25.38 21.52
CA TYR C 382 -15.86 -24.55 20.38
C TYR C 382 -17.06 -24.27 19.50
N ALA C 383 -17.88 -25.30 19.23
CA ALA C 383 -19.06 -25.11 18.39
C ALA C 383 -20.03 -24.14 19.04
N GLU C 384 -20.22 -24.22 20.35
CA GLU C 384 -21.16 -23.32 21.02
C GLU C 384 -20.63 -21.91 21.08
N GLU C 385 -19.35 -21.68 21.15
CA GLU C 385 -18.81 -20.32 21.25
C GLU C 385 -18.44 -19.80 19.88
N THR C 386 -18.64 -20.56 18.77
CA THR C 386 -18.43 -19.99 17.44
C THR C 386 -19.38 -18.85 17.12
N PRO C 387 -20.69 -18.94 17.38
CA PRO C 387 -21.55 -17.77 17.12
C PRO C 387 -21.13 -16.55 17.92
N LYS C 388 -20.92 -16.72 19.23
CA LYS C 388 -20.46 -15.60 20.05
C LYS C 388 -19.10 -15.12 19.60
N ARG C 389 -18.20 -16.04 19.26
CA ARG C 389 -16.87 -15.64 18.80
C ARG C 389 -16.97 -14.71 17.60
N LYS C 390 -17.72 -15.14 16.58
CA LYS C 390 -17.85 -14.33 15.38
C LYS C 390 -18.52 -13.01 15.69
N ALA C 391 -19.56 -13.01 16.53
CA ALA C 391 -20.26 -11.78 16.85
C ALA C 391 -19.36 -10.79 17.60
N PHE C 392 -18.57 -11.28 18.55
CA PHE C 392 -17.64 -10.41 19.26
C PHE C 392 -16.58 -9.87 18.32
N GLY C 393 -16.07 -10.70 17.41
CA GLY C 393 -15.16 -10.19 16.40
C GLY C 393 -15.79 -9.08 15.58
N ASN C 394 -17.00 -9.23 15.12
CA ASN C 394 -17.67 -8.23 14.27
C ASN C 394 -18.04 -6.99 15.10
N VAL C 395 -18.23 -7.08 16.43
CA VAL C 395 -18.41 -5.90 17.26
C VAL C 395 -17.09 -5.16 17.41
N ARG C 396 -16.02 -5.91 17.69
CA ARG C 396 -14.72 -5.28 17.92
C ARG C 396 -14.10 -4.74 16.64
N GLY C 397 -14.52 -5.24 15.48
CA GLY C 397 -14.01 -4.75 14.21
C GLY C 397 -14.76 -3.54 13.73
N ALA C 398 -16.09 -3.53 13.93
CA ALA C 398 -16.90 -2.36 13.61
C ALA C 398 -16.64 -1.21 14.58
N LEU C 399 -16.00 -1.47 15.72
CA LEU C 399 -15.76 -0.42 16.69
C LEU C 399 -14.72 0.59 16.19
N HIS C 400 -13.83 0.15 15.32
CA HIS C 400 -12.78 1.00 14.76
C HIS C 400 -13.17 1.47 13.38
N GLN C 401 -13.10 2.79 13.18
CA GLN C 401 -13.30 3.32 11.82
C GLN C 401 -12.42 4.57 11.62
N PRO C 402 -11.07 4.50 11.63
CA PRO C 402 -10.23 5.61 11.19
C PRO C 402 -9.77 5.47 9.73
N SER C 403 -10.73 5.22 8.85
CA SER C 403 -10.41 5.02 7.41
C SER C 403 -11.27 5.91 6.53
N ASP C 404 -10.85 6.08 5.29
CA ASP C 404 -11.53 6.90 4.31
C ASP C 404 -11.76 6.10 3.03
N ASP C 405 -12.99 6.16 2.51
CA ASP C 405 -13.32 5.51 1.25
C ASP C 405 -12.84 6.39 0.09
N THR C 406 -11.97 5.83 -0.76
CA THR C 406 -11.40 6.62 -1.86
C THR C 406 -11.79 5.98 -3.20
N ALA C 407 -12.55 6.68 -4.05
CA ALA C 407 -12.94 6.19 -5.39
C ALA C 407 -12.34 7.14 -6.42
N ALA C 408 -11.63 6.70 -7.46
CA ALA C 408 -11.11 7.57 -8.55
C ALA C 408 -11.61 7.30 -9.98
N ILE C 409 -12.00 8.33 -10.74
CA ILE C 409 -12.49 8.28 -12.16
C ILE C 409 -11.31 8.78 -12.94
N GLN C 410 -10.95 8.06 -14.01
CA GLN C 410 -9.72 8.40 -14.73
C GLN C 410 -10.00 8.87 -16.16
N ILE C 411 -9.38 9.97 -16.56
CA ILE C 411 -9.44 10.41 -17.98
C ILE C 411 -8.25 9.66 -18.58
N THR C 412 -8.46 8.78 -19.56
CA THR C 412 -7.42 7.92 -20.20
C THR C 412 -6.40 8.81 -20.87
N GLY C 413 -6.83 9.92 -21.45
CA GLY C 413 -5.85 10.84 -21.92
C GLY C 413 -6.41 12.14 -22.26
N PHE C 414 -5.54 13.10 -22.61
CA PHE C 414 -5.95 14.48 -22.98
C PHE C 414 -5.42 14.73 -24.40
N SER C 415 -6.15 14.28 -25.41
CA SER C 415 -5.75 14.33 -26.81
C SER C 415 -6.86 15.01 -27.60
N ILE C 416 -6.47 15.66 -28.70
CA ILE C 416 -7.41 16.42 -29.50
C ILE C 416 -7.18 16.10 -30.97
N ASN C 417 -8.27 15.93 -31.71
CA ASN C 417 -8.18 15.58 -33.11
C ASN C 417 -7.77 16.81 -33.91
N ASP C 418 -7.76 16.69 -35.24
CA ASP C 418 -7.33 17.80 -36.08
C ASP C 418 -8.24 19.01 -35.94
N GLU C 419 -9.51 18.79 -35.58
CA GLU C 419 -10.45 19.89 -35.41
C GLU C 419 -10.55 20.39 -33.98
N GLY C 420 -9.75 19.85 -33.06
CA GLY C 420 -9.75 20.29 -31.69
C GLY C 420 -10.70 19.55 -30.77
N SER C 421 -11.59 18.73 -31.31
CA SER C 421 -12.49 17.98 -30.45
C SER C 421 -11.72 16.86 -29.76
N PRO C 422 -11.93 16.66 -28.46
CA PRO C 422 -11.12 15.70 -27.71
C PRO C 422 -11.55 14.26 -27.98
N ASN C 423 -10.75 13.33 -27.46
CA ASN C 423 -11.09 11.91 -27.53
C ASN C 423 -11.67 11.38 -26.23
N TYR C 424 -11.54 12.11 -25.13
CA TYR C 424 -12.00 11.66 -23.82
C TYR C 424 -12.76 12.82 -23.17
N ASN C 425 -13.00 12.70 -21.87
CA ASN C 425 -14.00 13.53 -21.20
C ASN C 425 -13.42 14.51 -20.19
N GLY C 426 -12.16 14.91 -20.31
CA GLY C 426 -11.58 15.88 -19.40
C GLY C 426 -10.65 16.82 -20.12
N LEU C 427 -10.57 18.05 -19.62
CA LEU C 427 -9.63 19.04 -20.13
C LEU C 427 -9.26 20.00 -19.02
N LEU C 428 -8.08 20.60 -19.12
CA LEU C 428 -7.64 21.64 -18.19
C LEU C 428 -7.69 22.96 -18.92
N VAL C 429 -8.27 23.98 -18.28
CA VAL C 429 -8.55 25.25 -18.90
C VAL C 429 -7.99 26.38 -18.03
N CYS C 430 -7.70 27.50 -18.66
CA CYS C 430 -7.17 28.67 -17.97
C CYS C 430 -7.91 29.90 -18.48
N LYS C 431 -8.66 30.56 -17.61
CA LYS C 431 -9.23 31.87 -17.92
C LYS C 431 -8.17 32.89 -17.55
N GLN C 432 -7.26 33.14 -18.49
CA GLN C 432 -6.07 33.92 -18.23
C GLN C 432 -6.37 35.42 -18.27
N SER C 433 -5.68 36.17 -17.42
CA SER C 433 -5.81 37.60 -17.34
C SER C 433 -4.69 38.28 -18.11
N GLY C 434 -4.83 39.60 -18.29
CA GLY C 434 -3.82 40.34 -19.03
C GLY C 434 -2.49 40.39 -18.29
N ASP C 435 -2.53 40.63 -16.99
CA ASP C 435 -1.31 40.82 -16.21
C ASP C 435 -0.65 39.51 -15.81
N ARG C 436 -1.24 38.36 -16.14
CA ARG C 436 -0.74 37.07 -15.70
C ARG C 436 -0.55 37.05 -14.19
N LEU C 437 -1.59 37.48 -13.47
CA LEU C 437 -1.60 37.37 -12.02
C LEU C 437 -2.96 37.02 -11.47
N HIS C 438 -3.96 36.78 -12.31
CA HIS C 438 -5.31 36.46 -11.88
C HIS C 438 -5.90 35.37 -12.76
N ASP C 439 -5.12 34.32 -13.01
CA ASP C 439 -5.54 33.19 -13.88
C ASP C 439 -6.31 32.19 -13.05
N GLU C 440 -7.19 31.42 -13.68
CA GLU C 440 -8.11 30.51 -13.02
C GLU C 440 -7.57 29.09 -12.95
N TRP C 441 -7.31 28.45 -14.08
CA TRP C 441 -6.88 27.07 -14.08
C TRP C 441 -7.95 26.16 -13.47
N ALA C 442 -9.05 26.02 -14.20
CA ALA C 442 -10.11 25.08 -13.86
C ALA C 442 -9.96 23.78 -14.67
N PHE C 443 -10.86 22.83 -14.42
CA PHE C 443 -10.89 21.57 -15.17
C PHE C 443 -12.30 21.34 -15.70
N LEU C 444 -12.42 21.18 -17.01
CA LEU C 444 -13.69 20.84 -17.64
C LEU C 444 -13.90 19.33 -17.67
N PHE C 445 -15.03 18.88 -17.16
CA PHE C 445 -15.38 17.47 -17.13
C PHE C 445 -16.67 17.26 -17.91
N CYS C 446 -16.70 16.23 -18.74
CA CYS C 446 -17.88 15.91 -19.60
C CYS C 446 -18.48 14.59 -19.12
N HIS C 447 -19.67 14.62 -18.53
CA HIS C 447 -20.34 13.40 -18.10
C HIS C 447 -21.84 13.32 -18.39
N GLN C 448 -22.56 14.42 -18.54
CA GLN C 448 -23.95 14.33 -18.97
C GLN C 448 -24.02 14.33 -20.49
N PRO C 449 -25.15 13.90 -21.05
CA PRO C 449 -25.30 13.98 -22.50
C PRO C 449 -25.24 15.43 -22.99
N GLY C 450 -24.64 15.62 -24.16
CA GLY C 450 -24.57 16.93 -24.77
C GLY C 450 -23.44 17.81 -24.28
N GLN C 451 -22.64 17.34 -23.33
CA GLN C 451 -21.49 18.10 -22.86
C GLN C 451 -20.34 17.91 -23.83
N VAL C 452 -19.98 18.97 -24.55
CA VAL C 452 -18.89 18.94 -25.51
C VAL C 452 -18.09 20.23 -25.39
N PHE C 453 -16.89 20.20 -25.95
CA PHE C 453 -16.06 21.38 -26.06
C PHE C 453 -15.09 21.18 -27.22
N GLN C 454 -14.57 22.28 -27.73
CA GLN C 454 -13.64 22.24 -28.84
C GLN C 454 -12.46 23.18 -28.59
N LEU C 455 -11.28 22.76 -29.03
CA LEU C 455 -10.07 23.58 -28.99
C LEU C 455 -9.88 24.18 -30.38
N ALA C 456 -10.70 25.17 -30.70
CA ALA C 456 -10.62 25.88 -31.95
C ALA C 456 -9.96 27.23 -31.74
N ALA C 457 -9.82 27.99 -32.82
CA ALA C 457 -9.21 29.31 -32.76
C ALA C 457 -10.27 30.37 -32.46
N GLU C 458 -9.80 31.52 -31.95
CA GLU C 458 -10.72 32.63 -31.69
C GLU C 458 -11.49 33.03 -32.94
N ASP C 459 -10.84 32.96 -34.10
CA ASP C 459 -11.45 33.35 -35.36
C ASP C 459 -12.22 32.21 -36.01
N ALA C 460 -12.22 31.02 -35.41
CA ALA C 460 -13.03 29.94 -35.93
C ALA C 460 -14.50 30.27 -35.81
N LYS C 461 -15.31 29.68 -36.69
CA LYS C 461 -16.75 29.85 -36.69
C LYS C 461 -17.37 28.47 -36.55
N LEU C 462 -17.54 28.04 -35.30
CA LEU C 462 -18.05 26.71 -35.01
C LEU C 462 -19.56 26.74 -34.87
N ARG C 463 -20.22 25.72 -35.40
CA ARG C 463 -21.67 25.63 -35.40
C ARG C 463 -22.13 24.93 -34.14
N GLY C 464 -23.02 25.59 -33.40
CA GLY C 464 -23.57 25.04 -32.18
C GLY C 464 -22.74 25.26 -30.94
N LYS C 465 -21.64 25.99 -31.03
CA LYS C 465 -20.73 26.22 -29.91
C LYS C 465 -20.43 27.70 -29.79
N ILE C 466 -20.26 28.15 -28.54
CA ILE C 466 -20.03 29.56 -28.24
C ILE C 466 -18.67 29.70 -27.58
N LEU C 467 -17.88 30.66 -28.03
CA LEU C 467 -16.56 30.87 -27.48
C LEU C 467 -16.66 31.12 -25.98
N THR C 468 -15.50 31.05 -25.32
CA THR C 468 -15.43 31.24 -23.88
C THR C 468 -14.05 31.81 -23.56
N GLU C 469 -13.93 32.40 -22.38
CA GLU C 469 -12.65 32.97 -21.98
C GLU C 469 -11.64 31.91 -21.59
N TRP C 470 -12.02 30.64 -21.57
CA TRP C 470 -11.12 29.55 -21.19
C TRP C 470 -10.13 29.24 -22.30
N LEU C 471 -8.94 28.80 -21.90
CA LEU C 471 -7.88 28.36 -22.81
C LEU C 471 -7.51 26.92 -22.45
N GLY C 472 -7.75 25.99 -23.37
CA GLY C 472 -7.57 24.59 -23.09
C GLY C 472 -6.22 24.05 -23.53
N PHE C 473 -5.76 23.05 -22.76
CA PHE C 473 -4.45 22.40 -22.94
C PHE C 473 -4.69 20.96 -23.37
N GLY C 474 -4.85 20.76 -24.67
CA GLY C 474 -4.96 19.43 -25.25
C GLY C 474 -3.59 18.88 -25.57
N SER C 475 -3.58 17.76 -26.27
CA SER C 475 -2.33 17.12 -26.65
C SER C 475 -2.50 16.47 -28.01
N GLN C 476 -1.39 16.11 -28.63
CA GLN C 476 -1.41 15.38 -29.88
C GLN C 476 -0.11 14.62 -30.03
N GLY C 477 -0.19 13.41 -30.58
CA GLY C 477 0.99 12.61 -30.82
C GLY C 477 1.35 11.76 -29.63
N GLY C 478 2.34 10.91 -29.83
CA GLY C 478 2.76 9.96 -28.82
C GLY C 478 1.96 8.69 -28.82
N SER C 479 1.52 8.23 -29.99
CA SER C 479 0.50 7.20 -30.09
C SER C 479 1.01 5.80 -29.82
N ARG C 480 2.26 5.65 -29.37
CA ARG C 480 2.78 4.34 -28.94
C ARG C 480 2.49 3.26 -29.98
N LYS C 481 2.35 3.65 -31.24
CA LYS C 481 2.19 2.70 -32.33
C LYS C 481 3.35 2.87 -33.30
N LYS C 482 3.77 1.76 -33.90
CA LYS C 482 4.88 1.84 -34.84
C LYS C 482 4.58 2.82 -35.97
N ALA C 483 3.35 2.81 -36.47
CA ALA C 483 2.99 3.70 -37.56
C ALA C 483 3.16 5.17 -37.16
N GLU C 484 2.57 5.57 -36.03
CA GLU C 484 2.60 6.97 -35.64
C GLU C 484 3.89 7.32 -34.90
N ALA C 485 4.07 6.76 -33.71
CA ALA C 485 5.30 6.92 -32.94
C ALA C 485 5.82 8.36 -33.01
N SER C 486 4.92 9.30 -32.75
CA SER C 486 5.29 10.71 -32.76
C SER C 486 5.91 11.08 -31.42
N ALA C 487 6.03 12.37 -31.15
CA ALA C 487 6.36 12.87 -29.83
C ALA C 487 5.19 13.71 -29.34
N LYS C 488 4.67 13.36 -28.16
CA LYS C 488 3.51 14.03 -27.63
C LYS C 488 3.79 15.52 -27.43
N LYS C 489 2.87 16.36 -27.86
CA LYS C 489 3.01 17.81 -27.78
C LYS C 489 1.68 18.42 -27.39
N MET C 490 1.72 19.36 -26.44
CA MET C 490 0.49 20.02 -26.02
C MET C 490 -0.03 20.97 -27.09
N ILE C 491 -1.24 21.47 -26.85
CA ILE C 491 -1.95 22.35 -27.76
C ILE C 491 -2.76 23.31 -26.90
N ARG C 492 -2.40 24.59 -26.92
CA ARG C 492 -3.11 25.62 -26.15
C ARG C 492 -4.03 26.37 -27.11
N ARG C 493 -5.34 26.15 -26.97
CA ARG C 493 -6.29 26.75 -27.90
C ARG C 493 -7.56 27.15 -27.17
N PRO C 494 -8.24 28.21 -27.62
CA PRO C 494 -9.45 28.64 -26.90
C PRO C 494 -10.52 27.58 -26.90
N VAL C 495 -11.38 27.62 -25.87
CA VAL C 495 -12.38 26.58 -25.62
C VAL C 495 -13.74 27.09 -26.07
N TRP C 496 -14.31 26.43 -27.07
CA TRP C 496 -15.68 26.66 -27.51
C TRP C 496 -16.58 25.63 -26.86
N MET C 497 -17.53 26.09 -26.06
CA MET C 497 -18.43 25.23 -25.31
C MET C 497 -19.82 25.25 -25.93
N ASN C 498 -20.58 24.19 -25.66
CA ASN C 498 -21.98 24.15 -26.05
C ASN C 498 -22.74 25.17 -25.22
N GLU C 499 -23.59 25.96 -25.89
CA GLU C 499 -24.30 27.02 -25.19
C GLU C 499 -25.27 26.44 -24.17
N LYS C 500 -26.11 25.50 -24.60
CA LYS C 500 -27.16 24.94 -23.76
C LYS C 500 -26.67 23.83 -22.83
N THR C 501 -25.48 23.31 -23.05
CA THR C 501 -24.99 22.15 -22.29
C THR C 501 -23.48 22.28 -22.12
N PRO C 502 -23.04 23.13 -21.20
CA PRO C 502 -21.62 23.32 -21.00
C PRO C 502 -21.03 22.21 -20.14
N PRO C 503 -19.84 21.72 -20.46
CA PRO C 503 -19.20 20.75 -19.56
C PRO C 503 -18.98 21.36 -18.20
N THR C 504 -19.01 20.51 -17.17
CA THR C 504 -18.82 20.98 -15.81
C THR C 504 -17.45 21.64 -15.67
N ILE C 505 -17.40 22.74 -14.92
CA ILE C 505 -16.15 23.40 -14.59
C ILE C 505 -15.82 23.06 -13.16
N LEU C 506 -14.69 22.41 -12.95
CA LEU C 506 -14.23 22.07 -11.59
C LEU C 506 -13.25 23.15 -11.16
N PRO C 507 -13.69 24.23 -10.48
CA PRO C 507 -12.75 25.20 -9.96
C PRO C 507 -11.65 24.33 -9.34
N LEU C 508 -10.40 24.75 -9.42
CA LEU C 508 -9.25 23.98 -8.84
C LEU C 508 -8.63 24.79 -7.72
N ALA C 509 -7.75 24.22 -6.88
CA ALA C 509 -7.15 24.90 -5.74
C ALA C 509 -5.78 24.29 -5.48
N PHE C 510 -4.74 25.12 -5.53
CA PHE C 510 -3.38 24.65 -5.32
C PHE C 510 -2.59 25.74 -4.64
N GLY C 511 -1.26 25.61 -4.63
CA GLY C 511 -0.37 26.61 -4.12
C GLY C 511 0.50 27.16 -5.22
N VAL C 512 1.14 28.30 -4.95
CA VAL C 512 2.06 28.85 -5.93
C VAL C 512 3.24 27.93 -6.11
N ARG C 513 3.77 27.39 -5.00
CA ARG C 513 4.88 26.45 -5.09
C ARG C 513 4.50 25.25 -5.94
N GLN C 514 3.21 24.93 -6.01
CA GLN C 514 2.73 23.77 -6.76
C GLN C 514 2.41 24.11 -8.20
N GLY C 515 1.80 25.26 -8.47
CA GLY C 515 1.50 25.64 -9.84
C GLY C 515 2.70 26.15 -10.59
N ARG C 516 3.64 26.76 -9.90
CA ARG C 516 4.88 27.20 -10.53
C ARG C 516 5.85 26.07 -10.77
N GLU C 517 5.50 24.86 -10.34
CA GLU C 517 6.24 23.67 -10.71
C GLU C 517 5.72 23.06 -11.99
N TYR C 518 4.41 23.07 -12.19
CA TYR C 518 3.77 22.44 -13.32
C TYR C 518 3.08 23.42 -14.26
N LEU C 519 2.42 24.46 -13.71
CA LEU C 519 1.60 25.35 -14.51
C LEU C 519 2.39 26.50 -15.11
N TRP C 520 3.08 27.28 -14.27
CA TRP C 520 3.90 28.40 -14.75
C TRP C 520 5.32 28.23 -14.23
N HIS C 521 6.10 27.42 -14.92
CA HIS C 521 7.49 27.19 -14.57
C HIS C 521 8.37 28.06 -15.46
N PHE C 522 9.39 28.68 -14.86
CA PHE C 522 10.27 29.58 -15.59
C PHE C 522 10.70 28.99 -16.92
N ASP C 523 10.86 27.67 -16.99
CA ASP C 523 11.38 27.00 -18.17
C ASP C 523 10.39 26.07 -18.83
N ARG C 524 9.36 25.61 -18.11
CA ARG C 524 8.34 24.72 -18.64
C ARG C 524 6.96 25.33 -18.48
N ASN C 525 6.87 26.66 -18.56
CA ASN C 525 5.60 27.35 -18.52
C ASN C 525 4.64 26.72 -19.52
N LEU C 526 3.49 26.23 -19.03
CA LEU C 526 2.59 25.50 -19.92
C LEU C 526 2.21 26.35 -21.13
N ARG C 527 1.79 27.56 -20.88
CA ARG C 527 1.28 28.46 -21.90
C ARG C 527 2.36 29.12 -22.76
N THR C 528 3.64 29.23 -22.39
CA THR C 528 4.63 29.98 -23.14
C THR C 528 5.90 29.20 -23.48
N LYS C 529 6.09 28.00 -22.95
CA LYS C 529 7.35 27.29 -23.13
C LYS C 529 7.09 25.79 -23.25
N GLU C 530 7.80 25.16 -24.18
CA GLU C 530 7.75 23.71 -24.31
C GLU C 530 8.49 23.06 -23.15
N GLY C 531 8.02 21.88 -22.76
CA GLY C 531 8.42 21.30 -21.49
C GLY C 531 7.53 20.15 -21.11
N TRP C 532 6.91 20.23 -19.93
CA TRP C 532 5.95 19.25 -19.47
C TRP C 532 5.02 18.80 -20.57
N VAL C 533 4.62 17.54 -20.55
CA VAL C 533 3.66 16.97 -21.46
C VAL C 533 2.53 16.37 -20.65
N LEU C 534 1.30 16.49 -21.13
CA LEU C 534 0.16 15.91 -20.44
C LEU C 534 0.19 14.39 -20.54
N GLY C 535 -0.07 13.73 -19.42
CA GLY C 535 -0.18 12.29 -19.39
C GLY C 535 -1.62 11.84 -19.42
N ASN C 536 -2.13 11.44 -18.27
CA ASN C 536 -3.55 11.12 -18.09
C ASN C 536 -4.07 11.89 -16.89
N GLY C 537 -5.27 11.56 -16.42
CA GLY C 537 -5.83 12.26 -15.28
C GLY C 537 -6.73 11.36 -14.46
N ARG C 538 -6.98 11.79 -13.23
CA ARG C 538 -7.92 11.11 -12.34
C ARG C 538 -8.70 12.14 -11.56
N LEU C 539 -10.01 11.98 -11.51
CA LEU C 539 -10.83 12.65 -10.51
C LEU C 539 -10.92 11.72 -9.30
N LEU C 540 -10.35 12.14 -8.19
CA LEU C 540 -10.35 11.36 -6.97
C LEU C 540 -11.42 11.87 -6.02
N ARG C 541 -12.21 10.95 -5.47
CA ARG C 541 -13.08 11.23 -4.33
C ARG C 541 -12.48 10.55 -3.11
N VAL C 542 -12.37 11.30 -2.02
CA VAL C 542 -11.82 10.81 -0.75
C VAL C 542 -12.79 11.25 0.33
N MET C 543 -13.71 10.36 0.71
CA MET C 543 -14.73 10.75 1.67
C MET C 543 -14.73 9.80 2.86
N PRO C 544 -15.00 10.31 4.06
CA PRO C 544 -15.22 9.40 5.19
C PRO C 544 -16.42 8.51 4.90
N PRO C 545 -16.37 7.24 5.27
CA PRO C 545 -17.44 6.31 4.86
C PRO C 545 -18.81 6.81 5.28
N GLY C 546 -19.77 6.70 4.38
CA GLY C 546 -21.13 7.08 4.67
C GLY C 546 -21.34 8.57 4.90
N ARG C 547 -20.38 9.42 4.53
CA ARG C 547 -20.48 10.86 4.73
C ARG C 547 -20.16 11.56 3.41
N PRO C 548 -21.00 11.37 2.40
CA PRO C 548 -20.69 11.93 1.06
C PRO C 548 -20.56 13.44 1.05
N HIS C 549 -21.31 14.15 1.89
CA HIS C 549 -21.23 15.60 1.93
C HIS C 549 -19.91 16.09 2.50
N ALA C 550 -19.09 15.22 3.07
CA ALA C 550 -17.76 15.58 3.55
C ALA C 550 -16.66 15.11 2.61
N ALA C 551 -17.02 14.74 1.38
CA ALA C 551 -16.05 14.17 0.45
C ALA C 551 -15.10 15.24 -0.05
N ASP C 552 -13.80 14.94 -0.01
CA ASP C 552 -12.80 15.74 -0.70
C ASP C 552 -12.69 15.28 -2.14
N PHE C 553 -12.39 16.22 -3.02
CA PHE C 553 -12.28 15.93 -4.45
C PHE C 553 -10.96 16.49 -4.97
N TYR C 554 -10.31 15.72 -5.84
CA TYR C 554 -9.02 16.09 -6.40
C TYR C 554 -9.00 15.84 -7.89
N LEU C 555 -8.24 16.65 -8.60
CA LEU C 555 -7.80 16.37 -9.95
C LEU C 555 -6.33 15.99 -9.89
N THR C 556 -5.99 14.84 -10.45
CA THR C 556 -4.65 14.31 -10.45
C THR C 556 -4.19 14.24 -11.91
N LEU C 557 -3.36 15.20 -12.32
CA LEU C 557 -2.87 15.31 -13.69
C LEU C 557 -1.46 14.76 -13.78
N THR C 558 -1.24 13.76 -14.61
CA THR C 558 0.09 13.22 -14.81
C THR C 558 0.76 13.94 -15.97
N LEU C 559 1.92 14.54 -15.69
CA LEU C 559 2.71 15.24 -16.69
C LEU C 559 4.03 14.48 -16.90
N GLU C 560 4.60 14.61 -18.09
CA GLU C 560 5.87 13.97 -18.39
C GLU C 560 6.86 14.96 -18.99
N ARG C 561 8.13 14.74 -18.70
CA ARG C 561 9.26 15.51 -19.21
C ARG C 561 10.26 14.58 -19.87
N GLU C 562 11.21 15.18 -20.57
CA GLU C 562 12.41 14.51 -21.04
C GLU C 562 13.58 15.01 -20.19
N ALA C 563 14.22 14.11 -19.46
CA ALA C 563 15.29 14.51 -18.59
C ALA C 563 16.52 14.90 -19.41
N PRO C 564 17.41 15.71 -18.84
CA PRO C 564 18.63 16.06 -19.57
C PRO C 564 19.46 14.82 -19.82
N PRO C 565 20.25 14.81 -20.90
CA PRO C 565 21.09 13.64 -21.17
C PRO C 565 22.17 13.49 -20.11
N LEU C 566 22.63 12.25 -19.92
CA LEU C 566 23.63 11.98 -18.90
C LEU C 566 24.90 12.78 -19.18
N ALA C 567 25.78 12.80 -18.18
CA ALA C 567 27.03 13.54 -18.25
C ALA C 567 28.20 12.62 -17.90
N GLU C 568 29.34 12.86 -18.54
CA GLU C 568 30.55 12.10 -18.25
C GLU C 568 31.08 12.54 -16.89
N VAL C 569 30.98 11.66 -15.90
CA VAL C 569 31.33 12.02 -14.52
C VAL C 569 32.83 11.73 -14.37
N ALA C 570 33.64 12.68 -14.83
CA ALA C 570 35.07 12.67 -14.58
C ALA C 570 35.37 13.42 -13.29
N ALA C 571 34.76 12.94 -12.21
CA ALA C 571 34.82 13.65 -10.94
C ALA C 571 36.25 13.82 -10.48
N GLU C 572 36.59 15.04 -10.06
CA GLU C 572 37.84 15.31 -9.38
C GLU C 572 37.70 15.21 -7.87
N LYS C 573 36.48 15.10 -7.35
CA LYS C 573 36.22 14.92 -5.94
C LYS C 573 35.06 13.95 -5.78
N TYR C 574 35.02 13.28 -4.63
CA TYR C 574 33.99 12.28 -4.33
C TYR C 574 33.45 12.53 -2.93
N ILE C 575 32.17 12.22 -2.74
CA ILE C 575 31.48 12.44 -1.47
C ILE C 575 31.11 11.06 -0.96
N GLY C 576 31.90 10.49 -0.07
CA GLY C 576 31.51 9.26 0.58
C GLY C 576 30.58 9.57 1.76
N ILE C 577 29.52 8.79 1.88
CA ILE C 577 28.55 9.00 2.94
C ILE C 577 28.19 7.65 3.58
N ALA C 578 28.28 7.60 4.91
CA ALA C 578 28.00 6.40 5.69
C ALA C 578 27.15 6.77 6.91
N ARG C 579 26.35 5.80 7.36
CA ARG C 579 25.50 5.99 8.53
C ARG C 579 26.32 5.92 9.81
N GLY C 580 25.79 6.55 10.87
CA GLY C 580 26.43 6.52 12.17
C GLY C 580 25.40 6.55 13.29
N GLU C 581 25.90 6.41 14.51
CA GLU C 581 25.06 6.54 15.70
C GLU C 581 25.08 7.96 16.25
N ALA C 582 26.27 8.50 16.53
CA ALA C 582 26.38 9.90 16.92
C ALA C 582 25.99 10.83 15.78
N VAL C 583 25.90 10.30 14.57
CA VAL C 583 25.62 11.10 13.38
C VAL C 583 24.56 10.39 12.57
N PRO C 584 23.65 11.10 11.89
CA PRO C 584 22.75 10.41 10.95
C PRO C 584 23.49 9.74 9.80
N ALA C 585 24.18 10.52 8.96
CA ALA C 585 24.75 10.00 7.71
C ALA C 585 26.11 10.64 7.41
N ALA C 586 27.02 10.67 8.39
CA ALA C 586 28.26 11.44 8.29
C ALA C 586 28.92 11.34 6.91
N TYR C 587 29.61 12.40 6.50
CA TYR C 587 30.09 12.55 5.13
C TYR C 587 31.58 12.88 5.10
N ALA C 588 32.21 12.57 3.98
CA ALA C 588 33.65 12.76 3.83
C ALA C 588 33.96 13.04 2.36
N ILE C 589 34.63 14.15 2.10
CA ILE C 589 34.96 14.61 0.76
C ILE C 589 36.41 14.25 0.47
N ILE C 590 36.62 13.40 -0.53
CA ILE C 590 37.96 13.00 -0.95
C ILE C 590 38.18 13.42 -2.39
N ASP C 591 39.37 13.16 -2.93
CA ASP C 591 39.66 13.40 -4.33
C ASP C 591 39.65 12.06 -5.08
N ARG C 592 40.13 12.07 -6.32
CA ARG C 592 40.24 10.84 -7.09
C ARG C 592 41.32 9.90 -6.57
N GLU C 593 42.16 10.35 -5.65
CA GLU C 593 43.21 9.53 -5.05
C GLU C 593 43.07 9.50 -3.54
N GLY C 594 41.83 9.48 -3.05
CA GLY C 594 41.63 9.45 -1.61
C GLY C 594 42.27 10.66 -0.96
N ARG C 595 43.20 10.41 -0.05
CA ARG C 595 43.87 11.47 0.72
C ARG C 595 42.83 12.48 1.19
N LEU C 596 41.95 12.05 2.10
CA LEU C 596 40.76 12.79 2.50
C LEU C 596 41.00 14.30 2.49
N LEU C 597 40.14 15.03 1.77
CA LEU C 597 40.26 16.47 1.63
C LEU C 597 39.50 17.22 2.70
N ALA C 598 38.28 16.77 3.01
CA ALA C 598 37.47 17.37 4.05
C ALA C 598 36.56 16.29 4.63
N GLY C 599 35.94 16.60 5.76
CA GLY C 599 35.00 15.68 6.36
C GLY C 599 34.01 16.44 7.20
N GLY C 600 33.00 15.71 7.66
CA GLY C 600 32.03 16.35 8.54
C GLY C 600 30.83 15.45 8.79
N LYS C 601 29.84 16.04 9.43
CA LYS C 601 28.65 15.36 9.88
C LYS C 601 27.44 15.96 9.17
N ILE C 602 26.44 15.14 8.91
CA ILE C 602 25.21 15.61 8.26
C ILE C 602 24.11 15.73 9.31
N ALA C 603 23.29 16.78 9.17
CA ALA C 603 22.20 17.03 10.08
C ALA C 603 22.67 17.02 11.53
N ALA C 630 2.57 9.14 19.70
CA ALA C 630 2.34 7.80 19.16
C ALA C 630 2.64 7.78 17.66
N PHE C 631 2.29 8.86 16.98
CA PHE C 631 2.49 8.99 15.54
C PHE C 631 3.49 10.08 15.18
N ARG C 632 3.48 11.20 15.90
CA ARG C 632 4.38 12.31 15.61
C ARG C 632 5.84 11.89 15.80
N SER C 633 6.22 11.63 17.06
CA SER C 633 7.63 11.37 17.34
C SER C 633 8.04 9.98 16.88
N LYS C 634 7.14 9.00 16.98
CA LYS C 634 7.51 7.63 16.65
C LYS C 634 7.85 7.49 15.18
N GLU C 635 7.08 8.14 14.30
CA GLU C 635 7.26 7.99 12.86
C GLU C 635 7.74 9.27 12.20
N ARG C 636 7.00 10.38 12.33
CA ARG C 636 7.25 11.54 11.49
C ARG C 636 8.56 12.23 11.86
N ASN C 637 8.68 12.65 13.12
CA ASN C 637 9.84 13.44 13.53
C ASN C 637 11.15 12.78 13.14
N ARG C 638 11.27 11.47 13.40
CA ARG C 638 12.52 10.77 13.21
C ARG C 638 12.64 10.06 11.87
N ALA C 639 11.56 10.00 11.07
CA ALA C 639 11.66 9.47 9.72
C ALA C 639 11.74 10.57 8.69
N ARG C 640 10.71 11.40 8.59
CA ARG C 640 10.61 12.32 7.46
C ARG C 640 11.50 13.55 7.68
N ALA C 641 11.35 14.20 8.83
CA ALA C 641 12.10 15.42 9.07
C ALA C 641 13.60 15.18 9.10
N LEU C 642 14.03 13.93 9.23
CA LEU C 642 15.45 13.60 9.20
C LEU C 642 15.90 13.10 7.84
N GLY C 643 15.13 12.22 7.19
CA GLY C 643 15.50 11.78 5.86
C GLY C 643 15.51 12.91 4.85
N GLY C 644 14.50 13.79 4.89
CA GLY C 644 14.47 14.89 3.96
C GLY C 644 15.65 15.84 4.16
N GLU C 645 15.94 16.16 5.43
CA GLU C 645 17.05 17.08 5.70
C GLU C 645 18.37 16.47 5.26
N VAL C 646 18.59 15.19 5.54
CA VAL C 646 19.84 14.58 5.09
C VAL C 646 19.89 14.51 3.56
N THR C 647 18.75 14.28 2.89
CA THR C 647 18.75 14.24 1.43
C THR C 647 19.13 15.59 0.84
N ARG C 648 18.52 16.66 1.34
CA ARG C 648 18.87 17.97 0.79
C ARG C 648 20.29 18.36 1.19
N ALA C 649 20.79 17.85 2.31
CA ALA C 649 22.20 18.06 2.64
C ALA C 649 23.10 17.29 1.69
N ILE C 650 22.67 16.10 1.26
CA ILE C 650 23.46 15.33 0.30
C ILE C 650 23.54 16.07 -1.03
N PHE C 651 22.41 16.62 -1.48
CA PHE C 651 22.44 17.43 -2.70
C PHE C 651 23.26 18.71 -2.52
N ALA C 652 23.17 19.34 -1.35
CA ALA C 652 23.99 20.52 -1.12
C ALA C 652 25.48 20.19 -1.23
N LEU C 653 25.89 19.08 -0.62
CA LEU C 653 27.29 18.67 -0.70
C LEU C 653 27.67 18.29 -2.12
N SER C 654 26.83 17.50 -2.79
CA SER C 654 27.14 17.03 -4.13
C SER C 654 27.32 18.20 -5.08
N ALA C 655 26.33 19.11 -5.12
CA ALA C 655 26.38 20.23 -6.06
C ALA C 655 27.48 21.21 -5.69
N ALA C 656 27.62 21.52 -4.39
CA ALA C 656 28.62 22.51 -3.98
C ALA C 656 30.02 22.06 -4.37
N HIS C 657 30.34 20.79 -4.13
CA HIS C 657 31.63 20.23 -4.49
C HIS C 657 31.61 19.56 -5.85
N ARG C 658 30.46 19.51 -6.52
CA ARG C 658 30.27 18.89 -7.82
C ARG C 658 30.53 17.40 -7.78
N ALA C 659 30.80 16.84 -6.61
CA ALA C 659 31.40 15.52 -6.46
C ALA C 659 30.33 14.44 -6.37
N PRO C 660 30.43 13.37 -7.14
CA PRO C 660 29.42 12.31 -7.08
C PRO C 660 29.41 11.60 -5.73
N VAL C 661 28.26 11.02 -5.44
CA VAL C 661 27.93 10.49 -4.12
C VAL C 661 28.24 8.99 -4.10
N ILE C 662 29.09 8.59 -3.17
CA ILE C 662 29.38 7.19 -2.88
C ILE C 662 28.52 6.81 -1.69
N LEU C 663 27.60 5.89 -1.92
CA LEU C 663 26.54 5.55 -0.98
C LEU C 663 26.39 4.03 -0.94
N ALA C 664 26.10 3.50 0.25
CA ALA C 664 26.08 2.05 0.42
C ALA C 664 24.86 1.44 -0.26
N ASN C 665 24.92 0.14 -0.50
CA ASN C 665 23.76 -0.59 -0.99
C ASN C 665 22.73 -0.74 0.13
N GLN C 682 16.37 1.03 8.10
CA GLN C 682 16.93 1.13 6.76
C GLN C 682 15.89 1.67 5.78
N MET C 683 14.64 1.77 6.23
CA MET C 683 13.61 2.32 5.36
C MET C 683 13.89 3.78 5.03
N GLN C 684 14.42 4.56 5.99
CA GLN C 684 14.75 5.99 5.79
C GLN C 684 16.07 6.16 5.05
N TYR C 685 16.93 5.17 5.03
CA TYR C 685 18.08 5.15 4.13
C TYR C 685 17.64 4.89 2.70
N GLU C 686 16.76 3.91 2.49
CA GLU C 686 16.31 3.59 1.15
C GLU C 686 15.42 4.68 0.57
N ARG C 687 14.63 5.36 1.42
CA ARG C 687 13.87 6.50 0.93
C ARG C 687 14.78 7.64 0.50
N MET C 688 15.84 7.91 1.27
CA MET C 688 16.84 8.89 0.85
C MET C 688 17.47 8.48 -0.46
N LEU C 689 17.78 7.19 -0.61
CA LEU C 689 18.35 6.70 -1.86
C LEU C 689 17.40 6.93 -3.02
N VAL C 690 16.11 6.63 -2.83
CA VAL C 690 15.15 6.80 -3.92
C VAL C 690 15.00 8.27 -4.27
N ALA C 691 14.99 9.15 -3.27
CA ALA C 691 14.90 10.58 -3.54
C ALA C 691 16.12 11.07 -4.30
N LEU C 692 17.31 10.62 -3.90
CA LEU C 692 18.53 11.00 -4.62
C LEU C 692 18.49 10.50 -6.05
N GLU C 693 18.01 9.28 -6.25
CA GLU C 693 17.92 8.73 -7.60
C GLU C 693 16.97 9.55 -8.45
N GLN C 694 15.80 9.89 -7.91
CA GLN C 694 14.83 10.69 -8.64
C GLN C 694 15.41 12.06 -9.01
N LYS C 695 16.03 12.73 -8.05
CA LYS C 695 16.48 14.10 -8.27
C LYS C 695 17.86 14.20 -8.92
N PHE C 696 18.56 13.07 -9.10
CA PHE C 696 19.74 13.05 -9.96
C PHE C 696 19.39 12.65 -11.38
N ALA C 697 18.51 11.66 -11.54
CA ALA C 697 17.96 11.37 -12.86
C ALA C 697 17.29 12.61 -13.44
N GLU C 698 16.70 13.44 -12.58
CA GLU C 698 16.17 14.73 -13.00
C GLU C 698 17.24 15.81 -13.01
N ALA C 699 18.45 15.49 -13.47
CA ALA C 699 19.51 16.48 -13.56
C ALA C 699 20.48 16.24 -14.69
N GLY C 700 20.28 15.25 -15.54
CA GLY C 700 21.31 14.84 -16.48
C GLY C 700 22.39 14.02 -15.84
N LEU C 701 22.01 13.14 -14.92
CA LEU C 701 22.89 12.42 -14.02
C LEU C 701 22.28 11.03 -13.83
N TYR C 702 22.60 10.38 -12.73
CA TYR C 702 22.30 8.97 -12.54
C TYR C 702 21.05 8.51 -13.25
N ALA C 703 21.17 7.46 -14.06
CA ALA C 703 20.08 6.97 -14.90
C ALA C 703 19.22 6.00 -14.12
N LEU C 704 17.98 6.42 -13.85
CA LEU C 704 17.08 5.59 -13.06
C LEU C 704 16.90 4.23 -13.72
N PRO C 705 17.08 3.13 -12.99
CA PRO C 705 16.90 1.81 -13.59
C PRO C 705 15.49 1.27 -13.45
N SER C 706 15.11 0.42 -14.41
CA SER C 706 13.83 -0.25 -14.34
C SER C 706 13.78 -1.14 -13.10
N ALA C 707 12.92 -0.79 -12.15
CA ALA C 707 12.82 -1.50 -10.88
C ALA C 707 14.12 -1.33 -10.09
N PRO C 708 14.06 -1.31 -8.76
CA PRO C 708 15.27 -1.04 -7.98
C PRO C 708 16.21 -2.22 -7.88
N LYS C 709 15.95 -3.28 -8.65
CA LYS C 709 16.87 -4.42 -8.67
C LYS C 709 18.10 -4.13 -9.52
N TYR C 710 17.94 -3.41 -10.62
CA TYR C 710 19.03 -3.18 -11.56
C TYR C 710 19.82 -1.92 -11.23
N ARG C 711 20.42 -1.92 -10.05
CA ARG C 711 21.27 -0.81 -9.62
C ARG C 711 22.67 -1.01 -10.18
N LYS C 712 23.09 -0.13 -11.09
CA LYS C 712 24.32 -0.35 -11.84
C LYS C 712 25.57 -0.33 -10.98
N GLY C 713 25.51 0.23 -9.78
CA GLY C 713 26.68 0.22 -8.91
C GLY C 713 27.68 1.30 -9.23
N ASP C 714 27.69 1.78 -10.48
CA ASP C 714 28.51 2.92 -10.90
C ASP C 714 27.68 3.64 -11.96
N ASN C 715 26.81 4.54 -11.50
CA ASN C 715 25.71 5.03 -12.32
C ASN C 715 25.60 6.55 -12.24
N GLY C 716 26.73 7.23 -12.44
CA GLY C 716 26.69 8.68 -12.57
C GLY C 716 27.17 9.41 -11.33
N PHE C 717 26.26 9.92 -10.53
CA PHE C 717 26.64 10.49 -9.24
C PHE C 717 26.31 9.59 -8.06
N ILE C 718 25.41 8.63 -8.21
CA ILE C 718 25.08 7.69 -7.14
C ILE C 718 25.87 6.42 -7.44
N LYS C 719 27.07 6.34 -6.87
CA LYS C 719 27.98 5.22 -7.09
C LYS C 719 27.92 4.30 -5.89
N LEU C 720 27.27 3.14 -6.05
CA LEU C 720 26.89 2.29 -4.93
C LEU C 720 27.96 1.24 -4.65
N VAL C 721 28.38 1.15 -3.39
CA VAL C 721 29.33 0.15 -2.92
C VAL C 721 28.75 -0.50 -1.68
N GLY C 722 28.77 -1.83 -1.61
CA GLY C 722 28.04 -2.56 -0.60
C GLY C 722 28.54 -2.37 0.81
N PRO C 723 29.58 -3.11 1.20
CA PRO C 723 30.02 -3.04 2.59
C PRO C 723 31.08 -1.98 2.80
N ALA C 724 31.43 -1.75 4.07
CA ALA C 724 32.67 -1.08 4.43
C ALA C 724 33.60 -2.07 5.13
N TYR C 725 33.13 -2.73 6.18
CA TYR C 725 33.87 -3.80 6.86
C TYR C 725 35.36 -3.47 6.92
N THR C 726 35.68 -2.44 7.67
CA THR C 726 37.05 -1.99 7.80
C THR C 726 37.21 -1.20 9.09
N SER C 727 38.34 -0.53 9.21
CA SER C 727 38.59 0.38 10.32
C SER C 727 39.84 1.19 9.97
N ALA C 728 40.19 2.13 10.83
CA ALA C 728 41.31 3.04 10.62
C ALA C 728 42.24 3.03 11.82
N THR C 729 42.48 1.85 12.39
CA THR C 729 43.39 1.70 13.53
C THR C 729 44.84 1.60 13.10
N CYS C 730 45.18 2.06 11.89
CA CYS C 730 46.47 1.95 11.26
C CYS C 730 46.73 0.52 10.79
N SER C 731 45.89 -0.44 11.15
CA SER C 731 46.01 -1.83 10.70
C SER C 731 44.71 -2.40 10.16
N ALA C 732 43.65 -1.61 10.05
CA ALA C 732 42.45 -2.11 9.37
C ALA C 732 41.72 -3.10 10.24
N CYS C 733 40.93 -3.98 9.63
CA CYS C 733 40.12 -4.94 10.39
C CYS C 733 39.36 -5.84 9.43
N GLY C 734 38.34 -6.54 9.91
CA GLY C 734 37.58 -7.52 9.09
C GLY C 734 36.24 -7.91 9.67
N THR C 837 40.20 3.64 19.73
CA THR C 837 39.62 3.81 18.40
C THR C 837 39.72 5.25 17.92
N MET C 838 39.39 5.47 16.65
CA MET C 838 39.46 6.79 16.04
C MET C 838 38.11 7.48 16.18
N ASN C 839 37.85 8.47 15.33
CA ASN C 839 36.62 9.25 15.40
C ASN C 839 35.43 8.50 14.82
N ALA C 840 34.29 9.18 14.72
CA ALA C 840 33.00 8.54 14.44
C ALA C 840 32.92 8.09 12.99
N ALA C 841 31.70 7.81 12.52
CA ALA C 841 31.48 7.22 11.21
C ALA C 841 32.01 8.09 10.07
N GLU C 842 32.56 9.27 10.39
CA GLU C 842 33.27 10.04 9.38
C GLU C 842 34.32 9.18 8.69
N GLN C 843 35.13 8.46 9.48
CA GLN C 843 36.12 7.57 8.89
C GLN C 843 35.44 6.40 8.18
N GLY C 844 34.24 6.00 8.62
CA GLY C 844 33.51 5.00 7.88
C GLY C 844 33.17 5.46 6.48
N ALA C 845 32.77 6.72 6.33
CA ALA C 845 32.50 7.26 5.00
C ALA C 845 33.79 7.44 4.21
N LEU C 846 34.87 7.82 4.89
CA LEU C 846 36.17 7.84 4.23
C LEU C 846 36.48 6.49 3.61
N ASN C 847 36.29 5.42 4.38
CA ASN C 847 36.62 4.09 3.91
C ASN C 847 35.62 3.58 2.89
N ILE C 848 34.36 4.06 2.92
CA ILE C 848 33.41 3.65 1.89
C ILE C 848 33.79 4.28 0.55
N ALA C 849 34.26 5.53 0.57
CA ALA C 849 34.76 6.14 -0.66
C ALA C 849 36.03 5.45 -1.15
N ARG C 850 36.99 5.25 -0.24
CA ARG C 850 38.19 4.51 -0.62
C ARG C 850 37.86 3.12 -1.13
N LYS C 851 36.80 2.50 -0.61
CA LYS C 851 36.41 1.18 -1.06
C LYS C 851 35.83 1.22 -2.46
N PHE C 852 35.09 2.28 -2.78
CA PHE C 852 34.73 2.47 -4.17
C PHE C 852 35.98 2.54 -5.04
N LEU C 853 36.98 3.29 -4.60
CA LEU C 853 38.21 3.42 -5.36
C LEU C 853 38.89 2.05 -5.55
N PHE C 854 38.93 1.26 -4.48
CA PHE C 854 39.54 -0.06 -4.53
C PHE C 854 38.79 -0.99 -5.48
N ARG C 855 37.48 -1.08 -5.32
CA ARG C 855 36.67 -1.89 -6.22
C ARG C 855 36.80 -1.42 -7.66
N THR C 856 37.22 -0.18 -7.87
CA THR C 856 37.48 0.28 -9.23
C THR C 856 38.58 -0.55 -9.88
N GLU C 857 39.71 -0.73 -9.17
CA GLU C 857 40.75 -1.62 -9.69
C GLU C 857 40.27 -3.07 -9.71
N ARG C 858 39.65 -3.52 -8.61
CA ARG C 858 39.23 -4.92 -8.53
C ARG C 858 38.31 -5.30 -9.69
N GLY C 859 37.37 -4.42 -10.03
CA GLY C 859 36.49 -4.67 -11.16
C GLY C 859 35.52 -5.83 -10.98
N LYS C 860 34.89 -5.93 -9.80
CA LYS C 860 33.88 -6.92 -9.54
C LYS C 860 32.52 -6.25 -9.34
N GLN C 861 31.45 -7.00 -9.61
CA GLN C 861 30.08 -6.53 -9.44
C GLN C 861 29.74 -6.55 -7.94
N ALA C 862 29.99 -5.41 -7.28
CA ALA C 862 29.67 -5.30 -5.87
C ALA C 862 28.17 -5.37 -5.62
N GLY C 863 27.37 -5.03 -6.63
CA GLY C 863 25.93 -5.04 -6.45
C GLY C 863 25.38 -6.43 -6.19
N GLU C 864 25.83 -7.42 -6.95
CA GLU C 864 25.40 -8.79 -6.79
C GLU C 864 26.28 -9.47 -5.74
N LEU C 865 25.66 -10.04 -4.72
CA LEU C 865 26.37 -10.55 -3.56
C LEU C 865 27.12 -9.43 -2.86
N THR C 866 26.36 -8.45 -2.39
CA THR C 866 26.94 -7.32 -1.67
C THR C 866 27.58 -7.77 -0.36
N GLU C 867 26.94 -8.69 0.35
CA GLU C 867 27.49 -9.25 1.58
C GLU C 867 27.35 -10.77 1.70
N ALA C 868 26.56 -11.42 0.84
CA ALA C 868 26.35 -12.85 0.96
C ALA C 868 27.66 -13.63 0.82
N GLU C 869 28.64 -13.05 0.12
CA GLU C 869 29.94 -13.67 -0.07
C GLU C 869 30.96 -13.01 0.85
N ARG C 870 31.70 -13.84 1.59
CA ARG C 870 32.73 -13.34 2.50
C ARG C 870 34.07 -14.02 2.22
N ARG C 871 34.04 -15.30 1.86
CA ARG C 871 35.27 -16.01 1.57
C ARG C 871 35.99 -15.37 0.39
N LYS C 872 37.31 -15.30 0.47
CA LYS C 872 38.19 -14.77 -0.56
C LYS C 872 38.01 -13.26 -0.78
N MET C 873 37.22 -12.59 0.06
CA MET C 873 36.99 -11.16 -0.05
C MET C 873 37.42 -10.42 1.19
N ARG C 874 37.01 -10.91 2.37
CA ARG C 874 37.37 -10.28 3.63
C ARG C 874 38.89 -10.13 3.75
N ALA C 875 39.63 -11.23 3.54
CA ALA C 875 41.08 -11.16 3.61
C ALA C 875 41.65 -10.26 2.51
N ASP C 876 40.97 -10.18 1.36
CA ASP C 876 41.49 -9.37 0.27
C ASP C 876 41.59 -7.91 0.68
N TRP C 877 40.50 -7.32 1.17
CA TRP C 877 40.54 -5.92 1.60
C TRP C 877 41.39 -5.76 2.84
N GLN C 878 41.35 -6.74 3.74
CA GLN C 878 42.22 -6.70 4.91
C GLN C 878 43.68 -6.50 4.50
N ASN C 879 44.16 -7.35 3.59
CA ASN C 879 45.54 -7.25 3.13
C ASN C 879 45.77 -5.96 2.37
N TRP C 880 44.81 -5.57 1.52
CA TRP C 880 45.01 -4.37 0.72
C TRP C 880 45.23 -3.16 1.62
N TYR C 881 44.44 -3.05 2.69
CA TYR C 881 44.62 -1.91 3.58
C TYR C 881 45.81 -2.10 4.51
N LYS C 882 46.17 -3.35 4.81
CA LYS C 882 47.39 -3.59 5.58
C LYS C 882 48.62 -3.16 4.80
N GLU C 883 48.52 -3.14 3.46
CA GLU C 883 49.61 -2.73 2.60
C GLU C 883 49.43 -1.31 2.06
N LYS C 884 48.23 -0.74 2.18
CA LYS C 884 47.96 0.60 1.64
C LYS C 884 48.36 1.68 2.65
N LEU C 885 49.68 1.74 2.91
CA LEU C 885 50.23 2.72 3.85
C LEU C 885 51.40 3.48 3.23
N ARG C 886 51.54 3.45 1.91
CA ARG C 886 52.69 4.06 1.24
C ARG C 886 52.25 5.24 0.39
#